data_3UNV
#
_entry.id   3UNV
#
_cell.length_a   153.964
_cell.length_b   185.844
_cell.length_c   72.560
_cell.angle_alpha   90.000
_cell.angle_beta   90.000
_cell.angle_gamma   90.000
#
_symmetry.space_group_name_H-M   'C 2 2 2'
#
loop_
_entity.id
_entity.type
_entity.pdbx_description
1 polymer AdmH
2 non-polymer '(3S)-3-amino-3-phenylpropanoic acid'
3 non-polymer PHENYLALANINE
4 non-polymer GLYCEROL
5 non-polymer 1,2-ETHANEDIOL
6 non-polymer 'PHOSPHATE ION'
7 water water
#
_entity_poly.entity_id   1
_entity_poly.type   'polypeptide(L)'
_entity_poly.pdbx_seq_one_letter_code
;MSIVNESGSQPVVSRDETLSQIERTSFHISSGKDISLEEIARAARDHQPVTLHDEVVNRVTRSRSILESMVSDERVIYGV
NTSMGGFVNYIVPIAKASELQNNLINAVATNVGKYFDDTTVRATMLARIVSLSRGNSAISIVNFKKLIEIYNQGIVPCIP
EKGSLG(KWS)DLGPLAAIALVCTGQWKARYQGEQMSGAMALEKAGISPMELSFKEGLALINGTSAMVGLGVLLYDEVKR
LFDTYLTVTSLSIEGLHGKTKPFEPAVHRMKPHQGQLEVATTIWETLADSSLAVNEHEVEKLIAEEMDGLVKASNHQIED
AYSIRCTPQILGPVADTLKNIKQTLTNELNSSNDNPLIDQTTEEVFHNGHFHGQYVSMAMDHLNIALVTMMNLANRRIDR
FMDKSNSNGLPPFLCAENAGLRLGLMGGQFMTASITAESRASCMPMSIQSLSTTGDFQDIVSFGLVAARRVREQLKNLKY
VFSFELLCACQAVDIRGTAGLSKRTRALYDKTRTLVPYLEEDKTISDYIESIAQTVLTKNSDILEHHHHHH
;
_entity_poly.pdbx_strand_id   A,B
#
loop_
_chem_comp.id
_chem_comp.type
_chem_comp.name
_chem_comp.formula
EDO non-polymer 1,2-ETHANEDIOL 'C2 H6 O2'
GOL non-polymer GLYCEROL 'C3 H8 O3'
PO4 non-polymer 'PHOSPHATE ION' 'O4 P -3'
#
# COMPACT_ATOMS: atom_id res chain seq x y z
N SER A 26 -1.27 -32.25 -14.95
CA SER A 26 -0.28 -32.26 -13.76
C SER A 26 1.11 -31.51 -13.87
N PHE A 27 1.62 -31.00 -12.73
CA PHE A 27 2.92 -30.36 -12.54
C PHE A 27 3.92 -31.45 -12.16
N HIS A 28 4.69 -31.98 -13.12
CA HIS A 28 5.55 -33.15 -12.94
C HIS A 28 6.95 -32.71 -12.44
N ILE A 29 7.43 -33.29 -11.34
CA ILE A 29 8.76 -32.97 -10.85
C ILE A 29 9.64 -34.17 -11.15
N SER A 30 10.67 -34.03 -11.94
CA SER A 30 11.60 -35.11 -12.14
C SER A 30 12.99 -34.64 -11.84
N SER A 31 13.84 -35.57 -11.44
CA SER A 31 15.13 -35.19 -10.93
C SER A 31 16.01 -34.53 -11.93
N GLY A 32 16.69 -33.52 -11.49
CA GLY A 32 17.51 -32.80 -12.42
C GLY A 32 16.85 -32.08 -13.61
N LYS A 33 15.53 -32.10 -13.79
CA LYS A 33 14.95 -31.28 -14.87
C LYS A 33 14.41 -30.00 -14.27
N ASP A 34 14.92 -28.86 -14.73
CA ASP A 34 14.50 -27.60 -14.09
C ASP A 34 13.05 -27.20 -14.43
N ILE A 35 12.40 -26.56 -13.47
CA ILE A 35 11.05 -26.09 -13.65
C ILE A 35 11.08 -24.67 -14.20
N SER A 36 10.22 -24.37 -15.18
CA SER A 36 10.24 -23.01 -15.74
C SER A 36 9.29 -22.13 -14.94
N LEU A 37 9.52 -20.81 -14.93
CA LEU A 37 8.48 -19.89 -14.35
C LEU A 37 7.08 -20.05 -14.94
N GLU A 38 7.04 -20.23 -16.27
CA GLU A 38 5.75 -20.36 -16.95
C GLU A 38 4.99 -21.56 -16.36
N GLU A 39 5.69 -22.66 -16.12
CA GLU A 39 5.03 -23.89 -15.60
C GLU A 39 4.57 -23.73 -14.18
N ILE A 40 5.44 -23.16 -13.31
CA ILE A 40 4.96 -23.01 -11.94
C ILE A 40 3.83 -21.92 -11.84
N ALA A 41 3.92 -20.82 -12.59
CA ALA A 41 2.79 -19.84 -12.65
C ALA A 41 1.45 -20.51 -13.10
N ARG A 42 1.50 -21.32 -14.16
CA ARG A 42 0.30 -21.98 -14.63
C ARG A 42 -0.19 -23.00 -13.59
N ALA A 43 0.72 -23.76 -12.97
CA ALA A 43 0.33 -24.71 -11.92
C ALA A 43 -0.39 -24.01 -10.78
N ALA A 44 0.10 -22.85 -10.41
CA ALA A 44 -0.47 -22.15 -9.27
C ALA A 44 -1.77 -21.50 -9.66
N ARG A 45 -1.86 -20.90 -10.85
CA ARG A 45 -3.14 -20.31 -11.28
C ARG A 45 -4.18 -21.42 -11.37
N ASP A 46 -3.83 -22.58 -11.96
CA ASP A 46 -4.86 -23.59 -12.27
C ASP A 46 -5.05 -24.66 -11.22
N HIS A 47 -4.28 -24.60 -10.14
CA HIS A 47 -4.24 -25.69 -9.15
C HIS A 47 -4.03 -27.03 -9.84
N GLN A 48 -3.01 -27.12 -10.68
CA GLN A 48 -2.58 -28.39 -11.18
C GLN A 48 -2.00 -29.25 -10.05
N PRO A 49 -2.31 -30.55 -10.05
CA PRO A 49 -1.69 -31.43 -9.03
C PRO A 49 -0.23 -31.73 -9.29
N VAL A 50 0.52 -31.94 -8.25
CA VAL A 50 1.91 -32.32 -8.35
C VAL A 50 1.94 -33.85 -8.54
N THR A 51 2.72 -34.31 -9.51
CA THR A 51 3.14 -35.72 -9.62
C THR A 51 4.66 -35.79 -9.59
N LEU A 52 5.18 -36.89 -9.03
CA LEU A 52 6.60 -37.09 -8.82
C LEU A 52 7.17 -38.20 -9.70
N HIS A 53 8.35 -37.98 -10.25
CA HIS A 53 9.11 -39.02 -10.88
C HIS A 53 9.77 -39.87 -9.74
N ASP A 54 9.80 -41.20 -9.92
CA ASP A 54 10.43 -42.18 -8.99
C ASP A 54 11.73 -41.78 -8.39
N GLU A 55 12.62 -41.31 -9.23
CA GLU A 55 13.94 -40.88 -8.76
C GLU A 55 13.84 -39.73 -7.73
N VAL A 56 12.81 -38.89 -7.85
CA VAL A 56 12.66 -37.80 -6.85
C VAL A 56 12.37 -38.43 -5.46
N VAL A 57 11.38 -39.35 -5.43
CA VAL A 57 11.11 -40.13 -4.24
C VAL A 57 12.36 -40.79 -3.64
N ASN A 58 13.17 -41.46 -4.47
CA ASN A 58 14.34 -42.12 -3.94
C ASN A 58 15.37 -41.09 -3.38
N ARG A 59 15.53 -39.95 -4.02
CA ARG A 59 16.49 -38.93 -3.56
C ARG A 59 16.08 -38.30 -2.24
N VAL A 60 14.79 -37.94 -2.14
CA VAL A 60 14.22 -37.37 -0.87
C VAL A 60 14.43 -38.41 0.25
N THR A 61 14.07 -39.68 -0.02
CA THR A 61 14.26 -40.75 0.99
C THR A 61 15.66 -40.93 1.43
N ARG A 62 16.60 -41.01 0.47
CA ARG A 62 17.99 -41.19 0.80
C ARG A 62 18.56 -40.04 1.64
N SER A 63 18.16 -38.80 1.28
CA SER A 63 18.63 -37.60 2.04
C SER A 63 18.28 -37.82 3.55
N ARG A 64 17.05 -38.25 3.86
CA ARG A 64 16.68 -38.48 5.27
C ARG A 64 17.56 -39.60 5.85
N SER A 65 17.74 -40.73 5.12
CA SER A 65 18.60 -41.83 5.64
C SER A 65 20.01 -41.32 5.98
N ILE A 66 20.55 -40.43 5.15
CA ILE A 66 21.88 -39.91 5.40
C ILE A 66 21.88 -39.10 6.70
N LEU A 67 20.95 -38.16 6.81
CA LEU A 67 20.85 -37.44 8.06
C LEU A 67 20.76 -38.38 9.30
N GLU A 68 19.89 -39.38 9.26
CA GLU A 68 19.77 -40.30 10.39
C GLU A 68 21.11 -40.95 10.74
N SER A 69 21.84 -41.38 9.72
CA SER A 69 23.13 -41.96 9.96
C SER A 69 24.15 -40.90 10.52
N MET A 70 23.99 -39.62 10.14
CA MET A 70 24.82 -38.56 10.75
C MET A 70 24.50 -38.39 12.22
N VAL A 71 23.20 -38.46 12.54
CA VAL A 71 22.76 -38.31 13.93
C VAL A 71 23.34 -39.47 14.78
N SER A 72 23.22 -40.72 14.31
CA SER A 72 24.00 -41.84 14.92
C SER A 72 25.48 -41.64 15.05
N ASP A 73 26.10 -41.04 14.05
CA ASP A 73 27.52 -40.71 14.16
C ASP A 73 27.87 -39.54 15.06
N GLU A 74 26.90 -39.04 15.83
CA GLU A 74 27.07 -37.86 16.71
C GLU A 74 27.56 -36.58 16.01
N ARG A 75 27.10 -36.36 14.78
CA ARG A 75 27.36 -35.10 14.12
C ARG A 75 26.53 -34.01 14.84
N VAL A 76 27.03 -32.79 14.83
CA VAL A 76 26.33 -31.65 15.41
C VAL A 76 25.79 -30.86 14.21
N ILE A 77 24.49 -30.71 14.19
CA ILE A 77 23.83 -30.10 13.02
C ILE A 77 22.72 -29.16 13.48
N TYR A 78 22.79 -27.92 13.03
CA TYR A 78 21.82 -26.88 13.41
C TYR A 78 20.39 -27.34 13.19
N GLY A 79 19.54 -27.18 14.22
CA GLY A 79 18.13 -27.46 14.06
C GLY A 79 17.86 -28.98 14.19
N VAL A 80 18.87 -29.74 14.46
CA VAL A 80 18.70 -31.25 14.60
C VAL A 80 19.02 -31.56 16.10
N ASN A 81 20.22 -31.19 16.55
CA ASN A 81 20.59 -31.24 18.01
C ASN A 81 21.15 -29.92 18.51
N THR A 82 20.86 -28.84 17.76
CA THR A 82 20.98 -27.51 18.34
C THR A 82 19.67 -26.75 18.15
N SER A 83 19.52 -25.69 18.95
CA SER A 83 18.38 -24.77 18.74
C SER A 83 18.76 -23.72 17.64
N MET A 84 17.90 -22.71 17.42
CA MET A 84 17.96 -21.99 16.16
C MET A 84 17.92 -20.47 16.47
N GLY A 85 18.23 -19.64 15.47
CA GLY A 85 18.15 -18.19 15.63
C GLY A 85 19.00 -17.76 16.82
N GLY A 86 18.36 -16.94 17.69
CA GLY A 86 18.96 -16.40 18.87
C GLY A 86 19.55 -17.44 19.81
N PHE A 87 19.06 -18.69 19.74
CA PHE A 87 19.57 -19.74 20.59
C PHE A 87 20.43 -20.77 19.79
N VAL A 88 21.07 -20.28 18.74
CA VAL A 88 21.94 -21.12 17.88
C VAL A 88 22.93 -21.99 18.77
N ASN A 89 23.40 -21.42 19.87
CA ASN A 89 24.46 -22.04 20.67
C ASN A 89 23.94 -23.07 21.70
N TYR A 90 22.63 -23.22 21.78
CA TYR A 90 22.03 -24.19 22.69
C TYR A 90 22.01 -25.56 22.09
N ILE A 91 22.59 -26.49 22.81
CA ILE A 91 22.47 -27.90 22.53
C ILE A 91 21.03 -28.35 22.87
N VAL A 92 20.44 -29.15 22.00
CA VAL A 92 19.15 -29.71 22.33
C VAL A 92 19.17 -31.21 22.04
N PRO A 93 18.77 -32.04 23.02
CA PRO A 93 18.80 -33.51 22.73
C PRO A 93 17.93 -33.95 21.57
N ILE A 94 18.42 -34.97 20.84
CA ILE A 94 17.62 -35.62 19.82
C ILE A 94 16.29 -36.08 20.37
N ALA A 95 16.26 -36.47 21.64
CA ALA A 95 15.00 -36.98 22.21
C ALA A 95 13.89 -35.87 22.24
N LYS A 96 14.32 -34.62 22.20
CA LYS A 96 13.39 -33.51 22.30
C LYS A 96 13.07 -32.90 20.92
N ALA A 97 13.48 -33.59 19.83
CA ALA A 97 13.28 -33.09 18.46
C ALA A 97 11.85 -32.65 18.10
N SER A 98 10.87 -33.51 18.38
CA SER A 98 9.56 -33.14 17.96
C SER A 98 9.13 -31.83 18.62
N GLU A 99 9.54 -31.72 19.87
CA GLU A 99 8.99 -30.66 20.70
C GLU A 99 9.70 -29.36 20.23
N LEU A 100 11.02 -29.42 19.99
CA LEU A 100 11.74 -28.29 19.42
C LEU A 100 11.15 -27.85 18.04
N GLN A 101 10.86 -28.82 17.16
CA GLN A 101 10.37 -28.43 15.80
C GLN A 101 8.96 -27.78 15.88
N ASN A 102 8.11 -28.27 16.81
CA ASN A 102 6.78 -27.71 16.96
C ASN A 102 6.87 -26.32 17.57
N ASN A 103 7.82 -26.18 18.52
CA ASN A 103 8.06 -24.86 19.12
C ASN A 103 8.55 -23.90 18.04
N LEU A 104 9.49 -24.37 17.22
CA LEU A 104 10.03 -23.51 16.18
C LEU A 104 8.90 -22.94 15.26
N ILE A 105 8.02 -23.80 14.74
CA ILE A 105 7.05 -23.32 13.73
C ILE A 105 6.02 -22.40 14.36
N ASN A 106 5.67 -22.64 15.63
CA ASN A 106 4.82 -21.68 16.38
C ASN A 106 5.54 -20.31 16.64
N ALA A 107 6.81 -20.35 17.11
CA ALA A 107 7.55 -19.16 17.60
C ALA A 107 7.77 -18.16 16.45
N VAL A 108 8.05 -18.64 15.24
CA VAL A 108 8.35 -17.71 14.15
C VAL A 108 7.15 -17.34 13.23
N ALA A 109 5.95 -17.87 13.54
CA ALA A 109 4.75 -17.54 12.80
C ALA A 109 4.20 -16.25 13.34
N THR A 110 4.88 -15.15 12.95
CA THR A 110 4.48 -13.88 13.52
C THR A 110 4.04 -12.82 12.51
N ASN A 111 3.88 -13.23 11.26
CA ASN A 111 3.16 -12.39 10.28
C ASN A 111 1.80 -11.84 10.70
N VAL A 112 1.48 -10.63 10.22
CA VAL A 112 0.20 -10.03 10.53
C VAL A 112 -0.42 -9.49 9.24
N GLY A 113 -1.64 -8.95 9.32
CA GLY A 113 -2.31 -8.29 8.20
C GLY A 113 -3.12 -9.23 7.33
N LYS A 114 -3.50 -8.80 6.11
CA LYS A 114 -4.44 -9.57 5.31
C LYS A 114 -3.80 -10.85 4.79
N TYR A 115 -4.62 -11.85 4.46
CA TYR A 115 -4.07 -13.13 4.03
C TYR A 115 -3.76 -13.14 2.53
N PHE A 116 -2.68 -13.82 2.16
CA PHE A 116 -2.35 -13.95 0.74
C PHE A 116 -3.48 -14.65 -0.01
N ASP A 117 -3.72 -14.28 -1.26
CA ASP A 117 -4.72 -15.00 -2.09
C ASP A 117 -4.27 -16.46 -2.35
N ASP A 118 -5.22 -17.29 -2.83
CA ASP A 118 -4.97 -18.73 -3.01
C ASP A 118 -3.86 -19.02 -4.01
N THR A 119 -3.81 -18.27 -5.10
CA THR A 119 -2.75 -18.47 -6.14
C THR A 119 -1.33 -18.23 -5.55
N THR A 120 -1.16 -17.13 -4.81
CA THR A 120 0.18 -16.87 -4.19
C THR A 120 0.53 -17.94 -3.19
N VAL A 121 -0.43 -18.35 -2.36
CA VAL A 121 -0.25 -19.46 -1.44
C VAL A 121 0.15 -20.74 -2.21
N ARG A 122 -0.63 -21.10 -3.24
CA ARG A 122 -0.26 -22.27 -4.05
C ARG A 122 1.18 -22.17 -4.63
N ALA A 123 1.50 -21.03 -5.20
CA ALA A 123 2.88 -20.84 -5.79
C ALA A 123 3.96 -21.05 -4.74
N THR A 124 3.71 -20.53 -3.54
CA THR A 124 4.61 -20.65 -2.42
C THR A 124 4.79 -22.09 -2.08
N MET A 125 3.69 -22.85 -1.95
CA MET A 125 3.93 -24.17 -1.54
C MET A 125 4.62 -25.01 -2.64
N LEU A 126 4.29 -24.77 -3.90
CA LEU A 126 4.98 -25.43 -5.03
C LEU A 126 6.51 -25.09 -5.06
N ALA A 127 6.87 -23.87 -4.70
CA ALA A 127 8.29 -23.50 -4.68
C ALA A 127 9.01 -24.28 -3.54
N ARG A 128 8.31 -24.43 -2.41
CA ARG A 128 8.87 -25.19 -1.31
C ARG A 128 9.06 -26.67 -1.69
N ILE A 129 8.03 -27.21 -2.33
CA ILE A 129 8.03 -28.62 -2.75
C ILE A 129 9.20 -28.78 -3.74
N VAL A 130 9.33 -27.86 -4.69
CA VAL A 130 10.48 -27.91 -5.64
C VAL A 130 11.85 -27.96 -4.89
N SER A 131 12.04 -27.03 -3.94
CA SER A 131 13.29 -26.95 -3.19
C SER A 131 13.53 -28.27 -2.45
N LEU A 132 12.47 -28.78 -1.80
CA LEU A 132 12.69 -30.00 -1.01
C LEU A 132 12.95 -31.22 -1.93
N SER A 133 12.33 -31.20 -3.11
CA SER A 133 12.47 -32.32 -4.06
C SER A 133 13.88 -32.61 -4.53
N ARG A 134 14.81 -31.63 -4.42
CA ARG A 134 16.15 -31.78 -4.86
C ARG A 134 16.98 -32.72 -4.00
N GLY A 135 16.42 -33.16 -2.88
CA GLY A 135 17.07 -34.16 -2.03
C GLY A 135 18.22 -33.71 -1.18
N ASN A 136 18.36 -32.38 -0.96
CA ASN A 136 19.41 -31.91 -0.05
C ASN A 136 18.91 -31.51 1.35
N SER A 137 17.60 -31.62 1.59
CA SER A 137 17.01 -31.04 2.82
C SER A 137 16.78 -32.01 3.93
N ALA A 138 16.75 -33.32 3.59
CA ALA A 138 16.52 -34.40 4.57
C ALA A 138 15.20 -34.29 5.35
N ILE A 139 14.15 -33.80 4.69
CA ILE A 139 12.77 -33.91 5.16
C ILE A 139 12.44 -35.39 4.96
N SER A 140 11.58 -36.00 5.80
CA SER A 140 11.22 -37.40 5.57
C SER A 140 10.36 -37.52 4.34
N ILE A 141 10.40 -38.71 3.72
CA ILE A 141 9.60 -38.94 2.53
C ILE A 141 8.13 -38.85 2.95
N VAL A 142 7.81 -39.23 4.17
CA VAL A 142 6.36 -39.20 4.56
C VAL A 142 5.84 -37.74 4.61
N ASN A 143 6.61 -36.86 5.26
CA ASN A 143 6.21 -35.45 5.33
C ASN A 143 6.32 -34.71 4.00
N PHE A 144 7.31 -35.06 3.19
CA PHE A 144 7.32 -34.55 1.81
C PHE A 144 6.08 -34.84 0.98
N LYS A 145 5.67 -36.13 0.97
CA LYS A 145 4.40 -36.54 0.32
C LYS A 145 3.18 -35.91 0.97
N LYS A 146 3.21 -35.74 2.27
CA LYS A 146 2.10 -35.09 2.92
C LYS A 146 1.92 -33.65 2.50
N LEU A 147 3.04 -32.94 2.34
CA LEU A 147 3.04 -31.54 1.85
C LEU A 147 2.40 -31.48 0.44
N ILE A 148 2.79 -32.42 -0.42
CA ILE A 148 2.23 -32.50 -1.76
C ILE A 148 0.72 -32.83 -1.71
N GLU A 149 0.40 -33.78 -0.85
CA GLU A 149 -1.02 -34.17 -0.70
C GLU A 149 -1.93 -33.02 -0.19
N ILE A 150 -1.48 -32.33 0.82
CA ILE A 150 -2.16 -31.10 1.31
C ILE A 150 -2.33 -30.06 0.20
N TYR A 151 -1.25 -29.79 -0.53
CA TYR A 151 -1.36 -28.97 -1.72
C TYR A 151 -2.44 -29.56 -2.74
N ASN A 152 -2.22 -30.82 -3.16
CA ASN A 152 -3.09 -31.45 -4.19
C ASN A 152 -4.57 -31.39 -3.84
N GLN A 153 -4.91 -31.64 -2.58
CA GLN A 153 -6.33 -31.71 -2.15
C GLN A 153 -6.95 -30.34 -2.06
N GLY A 154 -6.14 -29.28 -2.14
CA GLY A 154 -6.66 -27.92 -2.21
C GLY A 154 -6.71 -27.22 -0.87
N ILE A 155 -5.89 -27.59 0.11
CA ILE A 155 -5.91 -26.85 1.40
C ILE A 155 -5.01 -25.63 1.16
N VAL A 156 -5.44 -24.45 1.57
CA VAL A 156 -4.67 -23.15 1.29
C VAL A 156 -4.50 -22.55 2.68
N PRO A 157 -3.28 -22.71 3.30
CA PRO A 157 -3.05 -22.11 4.61
C PRO A 157 -3.27 -20.58 4.58
N CYS A 158 -3.77 -20.00 5.67
CA CYS A 158 -3.97 -18.57 5.74
C CYS A 158 -2.60 -17.94 6.06
N ILE A 159 -2.08 -17.13 5.15
CA ILE A 159 -0.74 -16.56 5.32
C ILE A 159 -0.82 -15.04 5.40
N PRO A 160 -0.59 -14.48 6.59
CA PRO A 160 -0.74 -13.02 6.82
C PRO A 160 0.48 -12.43 6.06
N GLU A 161 0.23 -11.33 5.33
CA GLU A 161 1.18 -10.83 4.33
CA GLU A 161 1.15 -10.84 4.31
C GLU A 161 2.33 -10.02 4.89
N LYS A 162 2.06 -9.23 5.95
CA LYS A 162 3.11 -8.32 6.53
C LYS A 162 4.02 -8.99 7.55
N GLY A 163 5.29 -8.56 7.59
CA GLY A 163 6.29 -9.12 8.53
C GLY A 163 7.19 -10.08 7.75
N SER A 164 8.20 -10.58 8.47
CA SER A 164 9.25 -11.49 7.99
C SER A 164 10.43 -10.72 7.26
N LEU A 165 11.61 -11.31 7.38
CA LEU A 165 12.88 -10.66 7.03
C LEU A 165 13.43 -11.07 5.68
N GLY A 166 12.89 -12.12 5.05
CA GLY A 166 13.36 -12.48 3.71
C GLY A 166 14.58 -13.42 3.72
C3 KWS A 167 12.91 -16.37 5.01
C3 KWS A 167 12.91 -16.36 4.95
N1 KWS A 167 14.96 -14.06 5.04
N1 KWS A 167 14.90 -13.99 5.15
O3 KWS A 167 12.68 -15.63 6.00
O3 KWS A 167 12.70 -15.67 5.98
C1 KWS A 167 15.88 -15.83 6.24
C1 KWS A 167 16.02 -15.88 6.09
C2 KWS A 167 15.10 -17.61 6.90
C2 KWS A 167 15.18 -17.72 6.53
N2 KWS A 167 16.41 -16.06 7.44
N2 KWS A 167 16.60 -16.25 7.24
O2 KWS A 167 14.27 -18.80 6.82
O2 KWS A 167 14.31 -18.89 6.36
N3 KWS A 167 15.12 -16.83 5.84
N3 KWS A 167 15.18 -16.80 5.61
CA1 KWS A 167 16.23 -14.69 5.41
CA1 KWS A 167 16.35 -14.66 5.38
CB KWS A 167 17.13 -13.78 6.20
CB KWS A 167 17.42 -13.90 6.13
CA2 KWS A 167 15.91 -17.24 7.92
CA2 KWS A 167 16.11 -17.43 7.61
CA3 KWS A 167 14.27 -16.97 4.64
CA3 KWS A 167 14.29 -16.78 4.42
CB2 KWS A 167 16.17 -17.86 9.29
CB2 KWS A 167 16.47 -18.21 8.85
OG1 KWS A 167 16.52 -13.14 7.33
OG1 KWS A 167 16.93 -13.52 7.42
CG2 KWS A 167 17.64 -12.72 5.22
CG2 KWS A 167 17.75 -12.69 5.28
N ASP A 168 11.62 -16.95 4.50
CA ASP A 168 10.27 -16.41 4.66
C ASP A 168 9.74 -17.17 5.83
N LEU A 169 10.38 -17.04 7.01
CA LEU A 169 9.91 -17.83 8.13
C LEU A 169 8.44 -17.72 8.44
N GLY A 170 7.96 -16.50 8.65
CA GLY A 170 6.56 -16.24 8.98
C GLY A 170 5.59 -16.95 8.06
N PRO A 171 5.68 -16.66 6.76
CA PRO A 171 4.77 -17.17 5.74
C PRO A 171 4.84 -18.71 5.69
N LEU A 172 6.04 -19.27 5.69
CA LEU A 172 6.19 -20.74 5.58
C LEU A 172 5.82 -21.47 6.89
N ALA A 173 6.05 -20.83 8.04
CA ALA A 173 5.61 -21.41 9.33
C ALA A 173 4.05 -21.43 9.38
N ALA A 174 3.38 -20.42 8.78
CA ALA A 174 1.85 -20.47 8.70
C ALA A 174 1.44 -21.73 7.95
N ILE A 175 2.13 -22.06 6.88
CA ILE A 175 1.93 -23.32 6.17
C ILE A 175 2.29 -24.61 6.97
N ALA A 176 3.48 -24.65 7.56
CA ALA A 176 3.98 -25.77 8.40
C ALA A 176 2.89 -25.97 9.51
N LEU A 177 2.42 -24.88 10.15
CA LEU A 177 1.39 -25.10 11.18
C LEU A 177 0.14 -25.83 10.69
N VAL A 178 -0.45 -25.38 9.57
CA VAL A 178 -1.58 -26.06 8.95
C VAL A 178 -1.22 -27.53 8.64
N CYS A 179 -0.01 -27.81 8.12
CA CYS A 179 0.48 -29.21 7.81
C CYS A 179 0.47 -30.15 9.05
N THR A 180 0.72 -29.56 10.22
CA THR A 180 0.65 -30.25 11.51
C THR A 180 -0.72 -30.22 12.27
N GLY A 181 -1.76 -29.69 11.63
CA GLY A 181 -3.13 -29.70 12.23
C GLY A 181 -3.33 -28.50 13.12
N GLN A 182 -2.58 -27.42 12.84
CA GLN A 182 -2.72 -26.17 13.64
C GLN A 182 -3.14 -25.00 12.85
N TRP A 183 -3.22 -23.85 13.48
CA TRP A 183 -3.57 -22.66 12.79
C TRP A 183 -4.86 -22.72 11.92
N LYS A 184 -4.86 -22.07 10.76
CA LYS A 184 -6.05 -21.86 9.96
C LYS A 184 -5.80 -21.99 8.46
N ALA A 185 -6.81 -22.45 7.74
CA ALA A 185 -6.75 -22.61 6.30
C ALA A 185 -8.07 -22.42 5.62
N ARG A 186 -8.03 -22.16 4.32
CA ARG A 186 -9.20 -22.17 3.45
C ARG A 186 -9.24 -23.52 2.77
N TYR A 187 -10.40 -24.13 2.76
CA TYR A 187 -10.58 -25.39 2.05
C TYR A 187 -12.00 -25.33 1.46
N GLN A 188 -12.12 -25.52 0.14
CA GLN A 188 -13.41 -25.44 -0.54
C GLN A 188 -14.19 -24.18 -0.26
N GLY A 189 -13.47 -23.05 -0.27
CA GLY A 189 -14.10 -21.74 -0.20
C GLY A 189 -14.44 -21.28 1.20
N GLU A 190 -14.13 -22.08 2.22
CA GLU A 190 -14.39 -21.77 3.64
C GLU A 190 -13.09 -21.68 4.48
N GLN A 191 -12.98 -20.68 5.37
CA GLN A 191 -11.91 -20.64 6.37
C GLN A 191 -12.25 -21.54 7.59
N MET A 192 -11.30 -22.39 8.01
CA MET A 192 -11.52 -23.26 9.14
C MET A 192 -10.16 -23.58 9.82
N SER A 193 -10.20 -24.31 10.92
CA SER A 193 -8.93 -24.66 11.53
C SER A 193 -8.09 -25.57 10.62
N GLY A 194 -6.76 -25.57 10.84
CA GLY A 194 -5.87 -26.48 10.11
C GLY A 194 -6.34 -27.95 10.27
N ALA A 195 -6.73 -28.33 11.51
CA ALA A 195 -7.22 -29.70 11.77
C ALA A 195 -8.55 -30.10 11.05
N MET A 196 -9.52 -29.18 11.05
CA MET A 196 -10.70 -29.33 10.24
C MET A 196 -10.39 -29.52 8.75
N ALA A 197 -9.53 -28.71 8.17
CA ALA A 197 -9.18 -28.86 6.75
C ALA A 197 -8.50 -30.19 6.44
N LEU A 198 -7.53 -30.63 7.27
CA LEU A 198 -6.90 -31.94 7.10
C LEU A 198 -7.94 -33.04 7.17
N GLU A 199 -8.87 -32.94 8.13
CA GLU A 199 -9.83 -34.04 8.32
C GLU A 199 -10.68 -34.08 7.08
N LYS A 200 -11.21 -32.95 6.64
CA LYS A 200 -12.04 -32.94 5.44
C LYS A 200 -11.33 -33.43 4.19
N ALA A 201 -10.06 -33.09 4.04
CA ALA A 201 -9.26 -33.49 2.87
C ALA A 201 -8.82 -34.95 2.96
N GLY A 202 -8.98 -35.58 4.13
CA GLY A 202 -8.59 -36.99 4.31
C GLY A 202 -7.10 -37.22 4.62
N ILE A 203 -6.44 -36.26 5.29
CA ILE A 203 -4.98 -36.31 5.51
C ILE A 203 -4.67 -36.28 7.02
N SER A 204 -3.80 -37.17 7.49
CA SER A 204 -3.28 -37.11 8.87
C SER A 204 -2.26 -36.04 8.97
N PRO A 205 -2.26 -35.27 10.09
CA PRO A 205 -1.25 -34.18 10.19
C PRO A 205 0.14 -34.73 10.21
N MET A 206 1.08 -33.89 9.79
CA MET A 206 2.47 -34.26 9.88
C MET A 206 2.89 -34.35 11.36
N GLU A 207 3.72 -35.36 11.64
CA GLU A 207 4.48 -35.51 12.84
C GLU A 207 5.90 -35.11 12.44
N LEU A 208 6.41 -34.08 13.10
CA LEU A 208 7.72 -33.57 12.76
C LEU A 208 8.79 -34.20 13.63
N SER A 209 9.84 -34.74 12.99
CA SER A 209 11.02 -35.11 13.73
C SER A 209 12.19 -34.09 13.47
N PHE A 210 13.41 -34.40 13.90
CA PHE A 210 14.50 -33.43 13.81
C PHE A 210 14.70 -32.87 12.37
N LYS A 211 15.05 -31.53 12.30
CA LYS A 211 15.24 -30.82 11.05
C LYS A 211 13.93 -30.48 10.30
N GLU A 212 12.81 -31.18 10.60
CA GLU A 212 11.73 -31.15 9.66
C GLU A 212 10.92 -29.87 9.64
N GLY A 213 10.70 -29.28 10.80
CA GLY A 213 10.04 -27.96 10.84
C GLY A 213 10.90 -26.96 10.09
N LEU A 214 12.15 -27.04 10.43
CA LEU A 214 13.18 -26.10 9.88
C LEU A 214 13.18 -26.26 8.34
N ALA A 215 13.21 -27.50 7.86
CA ALA A 215 13.28 -27.71 6.40
C ALA A 215 12.00 -27.18 5.70
N LEU A 216 10.84 -27.29 6.33
CA LEU A 216 9.63 -26.76 5.71
C LEU A 216 9.60 -25.21 5.68
N ILE A 217 10.27 -24.55 6.63
CA ILE A 217 10.12 -23.08 6.69
C ILE A 217 11.32 -22.22 6.33
N ASN A 218 12.50 -22.82 6.22
CA ASN A 218 13.78 -22.09 6.09
C ASN A 218 14.23 -21.86 4.63
N GLY A 219 13.48 -21.13 3.85
CA GLY A 219 14.08 -20.77 2.58
C GLY A 219 13.31 -19.64 1.94
N THR A 220 13.38 -19.56 0.61
CA THR A 220 12.88 -18.37 -0.07
C THR A 220 11.54 -18.56 -0.78
N SER A 221 10.76 -19.57 -0.36
CA SER A 221 9.66 -19.96 -1.20
C SER A 221 8.48 -18.99 -1.28
N ALA A 222 8.24 -18.15 -0.27
CA ALA A 222 7.12 -17.17 -0.42
C ALA A 222 7.54 -16.06 -1.36
N MET A 223 8.75 -15.56 -1.16
CA MET A 223 9.14 -14.50 -2.08
C MET A 223 9.27 -15.03 -3.53
N VAL A 224 9.75 -16.25 -3.66
CA VAL A 224 9.74 -16.90 -4.99
C VAL A 224 8.32 -17.10 -5.52
N GLY A 225 7.43 -17.66 -4.68
CA GLY A 225 6.13 -17.94 -5.21
C GLY A 225 5.44 -16.67 -5.64
N LEU A 226 5.47 -15.62 -4.80
CA LEU A 226 4.94 -14.35 -5.26
C LEU A 226 5.72 -13.72 -6.46
N GLY A 227 7.04 -13.72 -6.36
CA GLY A 227 7.97 -13.20 -7.36
C GLY A 227 7.76 -13.79 -8.76
N VAL A 228 7.52 -15.09 -8.84
CA VAL A 228 7.28 -15.77 -10.14
C VAL A 228 5.95 -15.37 -10.70
N LEU A 229 4.88 -15.41 -9.86
CA LEU A 229 3.56 -15.03 -10.30
C LEU A 229 3.61 -13.59 -10.82
N LEU A 230 4.31 -12.67 -10.13
CA LEU A 230 4.53 -11.28 -10.63
C LEU A 230 5.30 -11.17 -11.95
N TYR A 231 6.38 -11.94 -12.06
CA TYR A 231 7.14 -11.93 -13.34
C TYR A 231 6.19 -12.32 -14.49
N ASP A 232 5.44 -13.44 -14.30
CA ASP A 232 4.62 -14.00 -15.38
C ASP A 232 3.55 -12.98 -15.79
N GLU A 233 2.93 -12.38 -14.80
CA GLU A 233 1.93 -11.37 -15.05
C GLU A 233 2.51 -10.15 -15.82
N VAL A 234 3.65 -9.71 -15.37
CA VAL A 234 4.34 -8.56 -15.98
C VAL A 234 4.80 -8.82 -17.42
N LYS A 235 5.44 -9.96 -17.62
CA LYS A 235 5.87 -10.29 -18.98
C LYS A 235 4.67 -10.30 -19.98
N ARG A 236 3.56 -10.89 -19.57
CA ARG A 236 2.35 -10.93 -20.36
C ARG A 236 1.81 -9.53 -20.64
N LEU A 237 1.77 -8.71 -19.58
CA LEU A 237 1.25 -7.34 -19.69
C LEU A 237 2.19 -6.55 -20.64
N PHE A 238 3.48 -6.82 -20.50
CA PHE A 238 4.48 -6.14 -21.43
C PHE A 238 4.15 -6.45 -22.90
N ASP A 239 4.08 -7.74 -23.23
CA ASP A 239 3.71 -8.18 -24.57
C ASP A 239 2.44 -7.53 -25.06
N THR A 240 1.38 -7.57 -24.27
CA THR A 240 0.19 -6.82 -24.59
C THR A 240 0.43 -5.33 -24.78
N TYR A 241 1.25 -4.76 -23.93
CA TYR A 241 1.49 -3.34 -24.05
C TYR A 241 2.24 -3.01 -25.37
N LEU A 242 2.95 -3.97 -26.01
CA LEU A 242 3.52 -3.53 -27.28
C LEU A 242 2.40 -3.31 -28.33
N THR A 243 1.32 -4.06 -28.20
CA THR A 243 0.14 -3.85 -29.06
C THR A 243 -0.68 -2.59 -28.68
N VAL A 244 -0.80 -2.30 -27.37
CA VAL A 244 -1.36 -1.04 -26.95
C VAL A 244 -0.52 0.08 -27.55
N THR A 245 0.83 0.02 -27.40
CA THR A 245 1.69 1.04 -28.06
C THR A 245 1.40 1.17 -29.55
N SER A 246 1.38 0.06 -30.26
CA SER A 246 1.13 0.18 -31.70
C SER A 246 -0.22 0.90 -31.95
N LEU A 247 -1.26 0.53 -31.20
CA LEU A 247 -2.50 1.25 -31.30
C LEU A 247 -2.51 2.75 -31.02
N SER A 248 -1.85 3.15 -29.90
CA SER A 248 -1.41 4.58 -29.69
C SER A 248 -0.75 5.26 -30.83
N ILE A 249 0.25 4.61 -31.44
CA ILE A 249 0.97 5.24 -32.49
C ILE A 249 -0.04 5.46 -33.65
N GLU A 250 -0.97 4.52 -33.89
CA GLU A 250 -1.97 4.75 -34.96
C GLU A 250 -2.87 5.93 -34.61
N GLY A 251 -3.27 5.99 -33.34
CA GLY A 251 -4.07 7.05 -32.80
C GLY A 251 -3.46 8.43 -32.92
N LEU A 252 -2.16 8.49 -32.71
CA LEU A 252 -1.41 9.77 -32.76
C LEU A 252 -0.84 10.02 -34.12
N HIS A 253 -1.16 9.18 -35.13
CA HIS A 253 -0.43 9.31 -36.43
C HIS A 253 1.07 9.45 -36.31
N GLY A 254 1.70 8.59 -35.51
CA GLY A 254 3.14 8.60 -35.40
C GLY A 254 3.77 7.87 -36.57
N LYS A 255 5.02 8.23 -36.89
CA LYS A 255 5.74 7.55 -37.97
C LYS A 255 6.37 6.25 -37.53
N THR A 256 6.45 5.29 -38.47
CA THR A 256 6.86 3.94 -38.14
C THR A 256 8.31 3.80 -38.59
N LYS A 257 8.80 4.65 -39.46
CA LYS A 257 10.21 4.47 -39.92
C LYS A 257 11.26 4.40 -38.71
N PRO A 258 11.06 5.17 -37.61
CA PRO A 258 12.01 5.07 -36.47
C PRO A 258 12.00 3.71 -35.79
N PHE A 259 11.03 2.83 -36.11
CA PHE A 259 11.05 1.52 -35.58
C PHE A 259 11.71 0.48 -36.47
N GLU A 260 12.23 0.90 -37.62
CA GLU A 260 12.76 -0.06 -38.57
C GLU A 260 13.91 -0.81 -37.91
N PRO A 261 13.90 -2.18 -38.00
CA PRO A 261 15.01 -2.91 -37.40
C PRO A 261 16.37 -2.45 -37.87
N ALA A 262 16.55 -2.09 -39.14
CA ALA A 262 17.89 -1.64 -39.64
C ALA A 262 18.48 -0.53 -38.77
N VAL A 263 17.69 0.44 -38.31
CA VAL A 263 18.42 1.49 -37.55
C VAL A 263 18.75 1.03 -36.11
N HIS A 264 17.90 0.19 -35.55
CA HIS A 264 18.15 -0.36 -34.23
C HIS A 264 19.33 -1.35 -34.16
N ARG A 265 19.72 -1.94 -35.30
CA ARG A 265 20.88 -2.81 -35.29
CA ARG A 265 20.86 -2.82 -35.41
C ARG A 265 22.12 -1.93 -35.21
N MET A 266 21.94 -0.63 -35.26
CA MET A 266 23.11 0.28 -35.02
C MET A 266 23.52 0.47 -33.50
N LYS A 267 22.72 -0.06 -32.60
CA LYS A 267 23.14 -0.25 -31.19
C LYS A 267 22.99 -1.71 -30.92
N PRO A 268 23.90 -2.29 -30.14
CA PRO A 268 23.78 -3.73 -29.91
C PRO A 268 22.81 -4.12 -28.79
N HIS A 269 21.97 -3.22 -28.30
CA HIS A 269 20.95 -3.59 -27.27
C HIS A 269 19.87 -4.48 -27.83
N GLN A 270 19.76 -5.66 -27.25
CA GLN A 270 18.86 -6.73 -27.73
C GLN A 270 17.39 -6.43 -27.44
N GLY A 271 17.08 -5.95 -26.23
CA GLY A 271 15.65 -5.70 -25.87
C GLY A 271 15.08 -4.60 -26.77
N GLN A 272 15.89 -3.57 -27.05
CA GLN A 272 15.46 -2.49 -27.89
C GLN A 272 15.13 -2.99 -29.30
N LEU A 273 16.01 -3.82 -29.85
CA LEU A 273 15.86 -4.25 -31.25
C LEU A 273 14.58 -5.16 -31.31
N GLU A 274 14.34 -5.99 -30.28
CA GLU A 274 13.11 -6.85 -30.18
C GLU A 274 11.87 -6.02 -30.10
N VAL A 275 11.82 -5.06 -29.18
CA VAL A 275 10.70 -4.13 -29.11
C VAL A 275 10.41 -3.40 -30.47
N ALA A 276 11.44 -2.84 -31.12
CA ALA A 276 11.17 -2.15 -32.34
C ALA A 276 10.68 -3.04 -33.43
N THR A 277 11.29 -4.22 -33.49
CA THR A 277 10.84 -5.24 -34.45
C THR A 277 9.34 -5.62 -34.27
N THR A 278 8.94 -5.82 -33.04
CA THR A 278 7.51 -6.22 -32.77
C THR A 278 6.56 -5.11 -33.23
N ILE A 279 6.83 -3.87 -32.84
CA ILE A 279 6.03 -2.74 -33.21
C ILE A 279 6.03 -2.55 -34.74
N TRP A 280 7.24 -2.49 -35.35
CA TRP A 280 7.38 -2.44 -36.80
C TRP A 280 6.56 -3.52 -37.53
N GLU A 281 6.61 -4.79 -37.10
CA GLU A 281 5.86 -5.85 -37.73
C GLU A 281 4.34 -5.69 -37.49
N THR A 282 3.99 -5.14 -36.33
CA THR A 282 2.55 -5.08 -35.94
C THR A 282 1.92 -4.00 -36.85
N LEU A 283 2.68 -2.92 -37.12
CA LEU A 283 2.15 -1.74 -37.83
C LEU A 283 2.37 -1.84 -39.35
N ALA A 284 2.99 -2.95 -39.79
CA ALA A 284 3.35 -3.07 -41.24
C ALA A 284 2.14 -2.87 -42.15
N ASP A 285 0.98 -3.34 -41.71
CA ASP A 285 -0.23 -3.23 -42.50
C ASP A 285 -1.20 -2.15 -42.03
N SER A 286 -0.73 -1.22 -41.21
CA SER A 286 -1.58 -0.13 -40.78
C SER A 286 -1.54 0.93 -41.84
N SER A 287 -2.64 1.64 -42.04
CA SER A 287 -2.54 2.85 -42.83
C SER A 287 -2.83 4.08 -41.95
N LEU A 288 -3.13 3.81 -40.67
CA LEU A 288 -3.16 4.90 -39.67
C LEU A 288 -1.78 5.39 -39.24
N ALA A 289 -0.88 4.45 -38.97
CA ALA A 289 0.50 4.83 -38.74
C ALA A 289 1.08 5.51 -39.99
N VAL A 290 2.02 6.43 -39.82
CA VAL A 290 2.36 7.35 -40.93
C VAL A 290 3.69 6.95 -41.60
N ASN A 291 3.74 7.09 -42.93
CA ASN A 291 4.87 6.79 -43.74
C ASN A 291 5.70 8.09 -43.73
N GLU A 292 6.85 8.04 -43.10
CA GLU A 292 7.78 9.21 -43.02
C GLU A 292 8.15 9.75 -44.38
N HIS A 293 8.20 8.87 -45.38
CA HIS A 293 8.63 9.38 -46.67
C HIS A 293 7.56 10.38 -47.23
N GLU A 294 6.28 10.10 -46.99
CA GLU A 294 5.20 10.98 -47.36
C GLU A 294 5.30 12.33 -46.69
N VAL A 295 5.73 12.35 -45.43
CA VAL A 295 5.85 13.61 -44.67
C VAL A 295 7.03 14.39 -45.19
N GLU A 296 8.11 13.68 -45.53
CA GLU A 296 9.31 14.29 -46.06
C GLU A 296 8.99 15.04 -47.38
N LYS A 297 8.18 14.39 -48.20
CA LYS A 297 7.76 15.00 -49.49
C LYS A 297 6.96 16.29 -49.27
N LEU A 298 5.98 16.25 -48.34
CA LEU A 298 5.22 17.44 -47.99
C LEU A 298 6.15 18.58 -47.54
N ILE A 299 7.10 18.28 -46.67
CA ILE A 299 7.99 19.35 -46.19
C ILE A 299 8.91 19.84 -47.30
N ALA A 300 9.47 18.92 -48.08
CA ALA A 300 10.38 19.33 -49.20
C ALA A 300 9.60 20.27 -50.11
N GLU A 301 8.31 20.03 -50.32
CA GLU A 301 7.50 20.88 -51.26
C GLU A 301 7.24 22.29 -50.75
N GLU A 302 7.32 22.45 -49.41
CA GLU A 302 7.19 23.77 -48.78
C GLU A 302 8.49 24.58 -48.84
N MET A 303 9.63 23.93 -49.08
CA MET A 303 10.90 24.63 -49.11
C MET A 303 11.03 25.70 -50.24
N ASP A 304 11.50 26.90 -49.85
CA ASP A 304 11.54 28.08 -50.72
C ASP A 304 12.70 29.01 -50.33
N GLY A 305 13.74 28.46 -49.67
CA GLY A 305 14.90 29.26 -49.20
C GLY A 305 14.67 30.21 -48.00
N LEU A 306 13.54 30.11 -47.31
CA LEU A 306 13.28 30.92 -46.12
C LEU A 306 13.16 30.05 -44.85
N VAL A 307 13.56 30.61 -43.71
CA VAL A 307 13.34 29.96 -42.42
C VAL A 307 11.85 30.05 -42.19
N LYS A 308 11.14 28.95 -42.01
CA LYS A 308 9.70 29.07 -41.70
C LYS A 308 9.10 27.84 -41.02
N ALA A 309 7.99 28.06 -40.31
CA ALA A 309 7.29 27.00 -39.64
C ALA A 309 6.46 26.16 -40.60
N SER A 310 6.35 24.84 -40.35
CA SER A 310 5.52 23.98 -41.21
C SER A 310 4.45 23.35 -40.31
N ASN A 311 3.32 22.90 -40.84
CA ASN A 311 2.40 22.11 -40.02
C ASN A 311 2.85 20.67 -39.87
N HIS A 312 3.92 20.28 -40.57
CA HIS A 312 4.40 18.87 -40.58
C HIS A 312 5.76 18.87 -39.86
N GLN A 313 6.19 17.74 -39.30
CA GLN A 313 7.52 17.68 -38.68
C GLN A 313 8.08 16.29 -39.01
N ILE A 314 9.34 16.30 -39.31
CA ILE A 314 10.08 15.14 -39.81
C ILE A 314 10.21 14.04 -38.77
N GLU A 315 10.14 14.43 -37.50
CA GLU A 315 10.22 13.41 -36.43
C GLU A 315 9.31 13.75 -35.21
N ASP A 316 8.91 12.70 -34.46
CA ASP A 316 7.94 12.86 -33.44
C ASP A 316 8.56 12.97 -32.05
N ALA A 317 7.68 13.25 -31.07
CA ALA A 317 8.06 13.36 -29.68
C ALA A 317 8.57 12.02 -29.13
N TYR A 318 9.35 12.09 -28.06
CA TYR A 318 10.02 10.90 -27.52
C TYR A 318 9.09 9.74 -27.12
N SER A 319 7.92 10.02 -26.53
CA SER A 319 7.03 8.89 -26.07
C SER A 319 6.54 8.07 -27.24
N ILE A 320 6.72 8.60 -28.46
CA ILE A 320 6.52 7.81 -29.69
C ILE A 320 7.90 7.29 -30.15
N ARG A 321 8.79 8.16 -30.61
CA ARG A 321 9.95 7.68 -31.34
C ARG A 321 10.98 6.90 -30.47
N CYS A 322 11.03 7.19 -29.16
CA CYS A 322 12.00 6.57 -28.27
C CYS A 322 11.47 5.35 -27.60
N THR A 323 10.29 4.88 -28.04
CA THR A 323 9.63 3.71 -27.40
C THR A 323 10.61 2.51 -27.34
N PRO A 324 11.38 2.25 -28.44
CA PRO A 324 12.26 1.09 -28.27
C PRO A 324 13.37 1.27 -27.26
N GLN A 325 13.96 2.50 -27.18
CA GLN A 325 15.02 2.87 -26.26
C GLN A 325 14.59 2.93 -24.80
N ILE A 326 13.28 3.03 -24.60
CA ILE A 326 12.68 3.11 -23.25
C ILE A 326 12.14 1.70 -22.83
N LEU A 327 11.48 0.97 -23.72
CA LEU A 327 10.90 -0.35 -23.33
C LEU A 327 11.99 -1.44 -23.51
N GLY A 328 13.01 -1.15 -24.33
CA GLY A 328 14.10 -2.11 -24.48
C GLY A 328 14.81 -2.47 -23.20
N PRO A 329 15.19 -1.48 -22.36
CA PRO A 329 15.78 -1.74 -21.03
C PRO A 329 14.77 -2.54 -20.16
N VAL A 330 13.48 -2.23 -20.33
CA VAL A 330 12.46 -3.00 -19.56
C VAL A 330 12.47 -4.44 -20.01
N ALA A 331 12.44 -4.68 -21.32
CA ALA A 331 12.50 -6.11 -21.78
C ALA A 331 13.80 -6.78 -21.28
N ASP A 332 14.97 -6.06 -21.36
CA ASP A 332 16.19 -6.66 -20.94
C ASP A 332 16.29 -6.90 -19.41
N THR A 333 15.74 -6.03 -18.58
CA THR A 333 15.80 -6.25 -17.16
C THR A 333 14.79 -7.43 -16.82
N LEU A 334 13.78 -7.50 -17.62
CA LEU A 334 12.80 -8.71 -17.47
C LEU A 334 13.57 -10.02 -17.76
N LYS A 335 14.47 -10.04 -18.74
CA LYS A 335 15.18 -11.29 -19.00
C LYS A 335 16.04 -11.66 -17.79
N ASN A 336 16.74 -10.66 -17.24
CA ASN A 336 17.62 -10.89 -16.09
C ASN A 336 16.83 -11.37 -14.82
N ILE A 337 15.68 -10.75 -14.57
CA ILE A 337 14.75 -11.10 -13.51
C ILE A 337 14.24 -12.53 -13.70
N LYS A 338 13.88 -12.88 -14.92
CA LYS A 338 13.42 -14.24 -15.22
C LYS A 338 14.50 -15.27 -14.85
N GLN A 339 15.75 -14.97 -15.19
CA GLN A 339 16.88 -15.85 -14.94
C GLN A 339 17.11 -15.95 -13.40
N THR A 340 17.00 -14.85 -12.65
CA THR A 340 17.28 -14.90 -11.24
C THR A 340 16.21 -15.72 -10.58
N LEU A 341 14.95 -15.45 -10.96
CA LEU A 341 13.84 -16.21 -10.35
C LEU A 341 13.92 -17.69 -10.69
N THR A 342 14.23 -18.01 -11.93
CA THR A 342 14.37 -19.42 -12.40
C THR A 342 15.44 -20.15 -11.55
N ASN A 343 16.58 -19.49 -11.34
CA ASN A 343 17.62 -20.04 -10.58
C ASN A 343 17.27 -20.18 -9.08
N GLU A 344 16.48 -19.25 -8.50
CA GLU A 344 16.26 -19.28 -7.13
C GLU A 344 15.17 -20.40 -6.99
N LEU A 345 14.29 -20.47 -7.96
CA LEU A 345 13.21 -21.55 -7.84
C LEU A 345 13.96 -22.89 -7.90
N ASN A 346 14.87 -23.08 -8.88
CA ASN A 346 15.53 -24.36 -9.02
C ASN A 346 16.79 -24.44 -8.17
N SER A 347 16.62 -24.26 -6.85
CA SER A 347 17.71 -24.31 -5.89
C SER A 347 17.30 -25.01 -4.62
N SER A 348 18.33 -25.41 -3.84
CA SER A 348 18.17 -25.92 -2.51
C SER A 348 18.31 -24.79 -1.54
N ASN A 349 17.18 -24.15 -1.26
CA ASN A 349 17.19 -22.95 -0.42
C ASN A 349 16.65 -23.44 0.93
N ASP A 350 17.61 -23.83 1.75
CA ASP A 350 17.33 -24.48 3.00
C ASP A 350 18.67 -24.56 3.74
N ASN A 351 18.65 -24.74 5.04
CA ASN A 351 19.88 -24.89 5.82
C ASN A 351 19.60 -25.70 7.10
N PRO A 352 20.49 -26.62 7.49
CA PRO A 352 21.64 -27.08 6.70
C PRO A 352 21.23 -27.99 5.52
N LEU A 353 22.22 -28.31 4.69
CA LEU A 353 22.04 -29.10 3.51
C LEU A 353 22.98 -30.30 3.53
N ILE A 354 22.51 -31.39 2.93
CA ILE A 354 23.29 -32.61 2.81
C ILE A 354 23.68 -32.85 1.30
N ASP A 355 24.99 -33.00 1.04
CA ASP A 355 25.44 -33.40 -0.30
C ASP A 355 25.38 -34.93 -0.32
N GLN A 356 24.56 -35.49 -1.17
CA GLN A 356 24.38 -36.99 -1.19
C GLN A 356 25.63 -37.72 -1.73
N THR A 357 26.38 -37.07 -2.60
CA THR A 357 27.55 -37.77 -3.17
C THR A 357 28.62 -38.06 -2.13
N THR A 358 28.96 -37.04 -1.33
CA THR A 358 30.04 -37.13 -0.39
C THR A 358 29.46 -37.39 1.01
N GLU A 359 28.11 -37.45 1.16
CA GLU A 359 27.43 -37.55 2.47
C GLU A 359 27.99 -36.56 3.47
N GLU A 360 28.05 -35.30 3.09
CA GLU A 360 28.59 -34.26 3.95
C GLU A 360 27.40 -33.34 4.24
N VAL A 361 27.39 -32.72 5.41
CA VAL A 361 26.40 -31.75 5.79
C VAL A 361 27.07 -30.34 5.81
N PHE A 362 26.36 -29.34 5.29
CA PHE A 362 26.92 -27.94 5.26
C PHE A 362 25.96 -26.98 5.92
N HIS A 363 26.50 -26.16 6.83
CA HIS A 363 25.79 -25.00 7.31
C HIS A 363 26.08 -23.90 6.31
N ASN A 364 25.07 -23.11 5.99
CA ASN A 364 25.19 -22.20 4.85
C ASN A 364 24.13 -21.14 4.97
N GLY A 365 24.15 -20.24 4.00
CA GLY A 365 23.25 -19.10 3.97
C GLY A 365 22.24 -19.14 2.81
N HIS A 366 21.82 -20.35 2.35
CA HIS A 366 21.00 -20.48 1.11
C HIS A 366 19.53 -20.00 1.26
N PHE A 367 19.08 -19.75 2.48
CA PHE A 367 17.78 -19.17 2.68
C PHE A 367 17.81 -17.62 2.42
N HIS A 368 18.99 -17.00 2.14
CA HIS A 368 19.00 -15.56 2.13
C HIS A 368 18.38 -15.01 0.82
N GLY A 369 17.30 -14.23 0.93
CA GLY A 369 16.64 -13.77 -0.27
C GLY A 369 17.20 -12.59 -1.07
N GLN A 370 18.45 -12.20 -0.85
CA GLN A 370 19.01 -11.02 -1.52
C GLN A 370 18.82 -11.04 -3.07
N TYR A 371 19.12 -12.18 -3.72
CA TYR A 371 18.90 -12.24 -5.18
C TYR A 371 17.42 -11.88 -5.50
N VAL A 372 16.41 -12.51 -4.81
CA VAL A 372 15.07 -12.19 -5.20
C VAL A 372 14.72 -10.73 -4.85
N SER A 373 15.17 -10.27 -3.68
CA SER A 373 14.80 -8.93 -3.27
C SER A 373 15.37 -7.87 -4.25
N MET A 374 16.64 -8.08 -4.60
CA MET A 374 17.17 -7.20 -5.61
C MET A 374 16.38 -7.25 -6.93
N ALA A 375 16.02 -8.50 -7.38
CA ALA A 375 15.24 -8.67 -8.62
C ALA A 375 13.89 -7.94 -8.56
N MET A 376 13.19 -8.08 -7.43
CA MET A 376 11.97 -7.28 -7.18
C MET A 376 12.15 -5.78 -7.27
N ASP A 377 13.19 -5.24 -6.63
CA ASP A 377 13.45 -3.79 -6.79
C ASP A 377 13.68 -3.40 -8.27
N HIS A 378 14.45 -4.22 -9.00
CA HIS A 378 14.54 -3.96 -10.43
C HIS A 378 13.15 -4.06 -11.13
N LEU A 379 12.29 -5.01 -10.71
CA LEU A 379 11.04 -5.14 -11.39
C LEU A 379 10.22 -3.86 -11.08
N ASN A 380 10.36 -3.33 -9.88
CA ASN A 380 9.60 -2.12 -9.47
C ASN A 380 9.95 -0.94 -10.33
N ILE A 381 11.26 -0.77 -10.50
CA ILE A 381 11.77 0.28 -11.38
C ILE A 381 11.24 0.11 -12.81
N ALA A 382 11.32 -1.09 -13.36
CA ALA A 382 10.79 -1.38 -14.70
C ALA A 382 9.30 -0.99 -14.79
N LEU A 383 8.50 -1.29 -13.73
CA LEU A 383 7.07 -0.98 -13.75
C LEU A 383 6.80 0.51 -13.77
N VAL A 384 7.54 1.28 -12.98
CA VAL A 384 7.38 2.73 -12.97
C VAL A 384 7.87 3.41 -14.30
N THR A 385 8.94 2.88 -14.89
CA THR A 385 9.39 3.34 -16.20
C THR A 385 8.24 3.15 -17.22
N MET A 386 7.56 1.96 -17.23
CA MET A 386 6.43 1.78 -18.14
C MET A 386 5.30 2.72 -17.81
N MET A 387 5.10 2.94 -16.50
CA MET A 387 4.06 3.84 -16.05
C MET A 387 4.21 5.25 -16.56
N ASN A 388 5.45 5.80 -16.48
CA ASN A 388 5.79 7.15 -16.98
C ASN A 388 5.53 7.21 -18.45
N LEU A 389 5.98 6.15 -19.15
CA LEU A 389 5.75 6.19 -20.59
C LEU A 389 4.26 6.32 -20.93
N ALA A 390 3.42 5.47 -20.31
CA ALA A 390 2.04 5.50 -20.63
C ALA A 390 1.35 6.78 -20.09
N ASN A 391 1.76 7.24 -18.91
CA ASN A 391 1.23 8.52 -18.43
C ASN A 391 1.50 9.66 -19.44
N ARG A 392 2.68 9.60 -20.04
CA ARG A 392 3.09 10.59 -21.07
C ARG A 392 2.35 10.44 -22.42
N ARG A 393 2.15 9.20 -22.90
CA ARG A 393 1.23 8.97 -24.00
C ARG A 393 -0.13 9.62 -23.77
N ILE A 394 -0.64 9.50 -22.56
CA ILE A 394 -1.93 10.04 -22.22
C ILE A 394 -1.92 11.56 -22.37
N ASP A 395 -0.83 12.22 -21.95
CA ASP A 395 -0.81 13.68 -22.14
C ASP A 395 -0.77 14.03 -23.64
N ARG A 396 -0.16 13.15 -24.48
CA ARG A 396 -0.22 13.39 -25.93
C ARG A 396 -1.65 13.35 -26.44
N PHE A 397 -2.47 12.41 -25.99
CA PHE A 397 -3.81 12.38 -26.42
C PHE A 397 -4.66 13.55 -25.90
N MET A 398 -4.50 13.91 -24.61
CA MET A 398 -5.34 14.96 -24.02
C MET A 398 -5.11 16.37 -24.52
N ASP A 399 -3.85 16.72 -24.78
CA ASP A 399 -3.44 18.11 -25.06
C ASP A 399 -3.44 18.25 -26.58
N LYS A 400 -4.33 19.08 -27.11
CA LYS A 400 -4.43 19.18 -28.58
C LYS A 400 -3.17 19.76 -29.25
N SER A 401 -2.35 20.50 -28.51
CA SER A 401 -1.08 20.90 -29.04
C SER A 401 -0.14 19.69 -29.26
N ASN A 402 -0.44 18.54 -28.66
CA ASN A 402 0.52 17.44 -28.74
C ASN A 402 -0.06 16.26 -29.59
N SER A 403 -1.35 16.34 -29.86
CA SER A 403 -2.10 15.11 -30.31
C SER A 403 -2.13 14.98 -31.87
N ASN A 404 -1.47 15.92 -32.54
CA ASN A 404 -1.33 15.76 -33.99
C ASN A 404 -2.71 15.68 -34.67
N GLY A 405 -3.62 16.59 -34.30
CA GLY A 405 -4.82 16.81 -35.07
C GLY A 405 -6.01 16.18 -34.35
N LEU A 406 -5.87 15.62 -33.16
CA LEU A 406 -7.08 15.12 -32.49
C LEU A 406 -7.73 16.29 -31.73
N PRO A 407 -9.05 16.20 -31.55
CA PRO A 407 -9.80 17.18 -30.75
C PRO A 407 -9.28 17.20 -29.27
N PRO A 408 -9.33 18.37 -28.64
CA PRO A 408 -8.87 18.47 -27.19
C PRO A 408 -9.53 17.49 -26.31
N PHE A 409 -8.71 16.82 -25.46
CA PHE A 409 -9.30 15.88 -24.51
C PHE A 409 -10.09 14.75 -25.16
N LEU A 410 -9.78 14.52 -26.43
CA LEU A 410 -10.53 13.55 -27.27
C LEU A 410 -12.08 13.74 -27.20
N CYS A 411 -12.49 15.01 -27.06
CA CYS A 411 -13.87 15.39 -26.98
C CYS A 411 -14.33 15.85 -28.38
N ALA A 412 -14.76 14.94 -29.22
CA ALA A 412 -15.01 15.29 -30.64
C ALA A 412 -16.31 16.06 -30.86
N GLU A 413 -17.29 15.91 -29.96
CA GLU A 413 -18.61 16.56 -30.11
C GLU A 413 -18.78 17.45 -28.90
N ASN A 414 -19.32 18.66 -29.12
CA ASN A 414 -19.77 19.49 -27.99
C ASN A 414 -18.69 19.86 -26.92
N ALA A 415 -17.46 20.12 -27.36
CA ALA A 415 -16.40 20.44 -26.42
C ALA A 415 -16.88 21.71 -25.66
N GLY A 416 -16.57 21.80 -24.35
CA GLY A 416 -16.94 23.00 -23.55
C GLY A 416 -18.22 22.65 -22.82
N LEU A 417 -19.27 22.26 -23.57
CA LEU A 417 -20.48 21.74 -22.92
C LEU A 417 -20.21 20.43 -22.20
N ARG A 418 -19.33 19.61 -22.82
CA ARG A 418 -18.82 18.33 -22.31
C ARG A 418 -17.32 18.56 -22.02
N LEU A 419 -16.73 17.78 -21.09
CA LEU A 419 -15.24 17.82 -20.87
C LEU A 419 -14.55 16.61 -21.57
N GLY A 420 -15.31 15.67 -22.15
CA GLY A 420 -14.71 14.54 -22.91
C GLY A 420 -13.99 13.61 -21.91
N LEU A 421 -12.75 13.21 -22.26
CA LEU A 421 -12.03 12.21 -21.43
C LEU A 421 -10.99 12.92 -20.51
N MET A 422 -11.08 14.27 -20.41
CA MET A 422 -10.04 15.17 -19.78
C MET A 422 -9.76 14.58 -18.34
N GLY A 423 -10.80 14.09 -17.64
CA GLY A 423 -10.64 13.64 -16.26
C GLY A 423 -9.89 12.34 -16.07
N GLY A 424 -9.73 11.50 -17.14
CA GLY A 424 -8.96 10.26 -16.97
C GLY A 424 -7.50 10.59 -16.58
N GLN A 425 -6.99 11.75 -17.04
CA GLN A 425 -5.63 12.09 -16.81
C GLN A 425 -5.42 12.48 -15.31
N PHE A 426 -6.51 12.87 -14.63
CA PHE A 426 -6.51 13.19 -13.18
C PHE A 426 -6.25 11.91 -12.43
N MET A 427 -6.83 10.82 -12.94
CA MET A 427 -6.55 9.53 -12.41
C MET A 427 -5.11 9.01 -12.64
N THR A 428 -4.63 9.07 -13.90
CA THR A 428 -3.36 8.46 -14.21
C THR A 428 -2.15 9.24 -13.67
N ALA A 429 -2.19 10.58 -13.70
CA ALA A 429 -1.04 11.37 -13.28
C ALA A 429 -0.87 11.10 -11.77
N SER A 430 -2.01 10.93 -11.06
CA SER A 430 -2.06 10.71 -9.59
C SER A 430 -1.49 9.33 -9.26
N ILE A 431 -1.95 8.29 -9.96
CA ILE A 431 -1.46 6.94 -9.66
C ILE A 431 0.02 6.85 -10.10
N THR A 432 0.42 7.56 -11.17
CA THR A 432 1.85 7.58 -11.63
C THR A 432 2.76 8.23 -10.56
N ALA A 433 2.34 9.41 -10.10
CA ALA A 433 2.96 10.11 -8.99
C ALA A 433 3.03 9.26 -7.72
N GLU A 434 1.93 8.59 -7.31
CA GLU A 434 2.00 7.77 -6.18
C GLU A 434 3.02 6.64 -6.35
N SER A 435 3.06 6.09 -7.56
CA SER A 435 3.94 4.94 -7.87
C SER A 435 5.41 5.32 -7.87
N ARG A 436 5.64 6.51 -8.36
CA ARG A 436 7.04 7.11 -8.35
C ARG A 436 7.55 7.30 -6.88
N ALA A 437 6.69 7.87 -6.03
CA ALA A 437 6.97 7.92 -4.60
C ALA A 437 7.19 6.56 -3.90
N SER A 438 6.56 5.47 -4.39
CA SER A 438 6.64 4.12 -3.79
C SER A 438 7.81 3.27 -4.32
N CYS A 439 8.69 3.87 -5.11
CA CYS A 439 9.71 3.03 -5.78
C CYS A 439 11.06 3.05 -5.05
N MET A 440 11.08 3.30 -3.76
CA MET A 440 12.34 3.20 -2.96
C MET A 440 12.67 1.67 -2.82
N PRO A 441 13.86 1.22 -3.23
CA PRO A 441 14.33 -0.17 -3.12
C PRO A 441 14.17 -0.73 -1.70
N MET A 442 13.49 -1.89 -1.53
CA MET A 442 13.44 -2.57 -0.24
C MET A 442 14.63 -3.42 0.12
N SER A 443 15.37 -3.90 -0.93
CA SER A 443 16.51 -4.76 -0.69
C SER A 443 17.73 -3.99 -0.07
N ILE A 444 17.57 -2.70 0.25
CA ILE A 444 18.62 -1.97 0.93
C ILE A 444 18.18 -1.51 2.35
N GLN A 445 17.02 -1.99 2.82
CA GLN A 445 16.43 -1.39 3.98
C GLN A 445 16.78 -2.20 5.25
N SER A 446 17.58 -3.27 5.09
CA SER A 446 18.02 -4.18 6.14
C SER A 446 18.07 -3.56 7.53
N LEU A 447 17.36 -4.18 8.47
CA LEU A 447 17.56 -3.86 9.89
C LEU A 447 17.90 -5.14 10.65
N SER A 448 18.79 -5.05 11.64
CA SER A 448 19.31 -6.22 12.40
C SER A 448 18.38 -6.58 13.52
N THR A 449 18.21 -7.89 13.65
CA THR A 449 17.42 -8.50 14.70
C THR A 449 18.05 -9.75 15.36
N THR A 450 17.29 -10.33 16.31
CA THR A 450 17.61 -11.67 16.84
C THR A 450 19.02 -11.69 17.49
N GLY A 451 19.26 -10.73 18.36
CA GLY A 451 20.55 -10.68 19.05
C GLY A 451 21.68 -10.50 18.03
N ASP A 452 21.39 -9.82 16.90
CA ASP A 452 22.31 -9.67 15.76
C ASP A 452 22.75 -10.92 15.09
N PHE A 453 22.02 -12.02 15.31
CA PHE A 453 22.36 -13.23 14.53
C PHE A 453 21.84 -13.03 13.07
N GLN A 454 20.61 -12.48 12.96
CA GLN A 454 20.06 -12.12 11.64
C GLN A 454 20.44 -10.68 11.35
N ASP A 455 21.72 -10.41 11.12
CA ASP A 455 22.12 -9.01 11.15
C ASP A 455 22.05 -8.26 9.79
N ILE A 456 21.84 -8.99 8.71
CA ILE A 456 21.71 -8.33 7.41
C ILE A 456 20.74 -9.13 6.62
N VAL A 457 19.62 -8.50 6.22
CA VAL A 457 18.47 -9.27 5.74
C VAL A 457 17.94 -8.65 4.43
N SER A 458 17.23 -9.45 3.63
CA SER A 458 16.84 -9.03 2.26
C SER A 458 15.59 -8.24 2.20
N PHE A 459 14.60 -8.58 3.06
CA PHE A 459 13.24 -8.05 2.95
C PHE A 459 12.63 -8.41 1.57
N GLY A 460 13.01 -9.57 0.98
CA GLY A 460 12.59 -9.91 -0.33
C GLY A 460 11.08 -10.06 -0.50
N LEU A 461 10.42 -10.58 0.55
CA LEU A 461 8.96 -10.68 0.40
C LEU A 461 8.24 -9.30 0.42
N VAL A 462 8.70 -8.36 1.29
CA VAL A 462 8.19 -6.99 1.22
C VAL A 462 8.48 -6.39 -0.17
N ALA A 463 9.68 -6.66 -0.72
CA ALA A 463 10.03 -6.14 -2.04
C ALA A 463 9.00 -6.65 -3.08
N ALA A 464 8.69 -7.96 -3.03
CA ALA A 464 7.69 -8.52 -3.93
C ALA A 464 6.24 -7.95 -3.71
N ARG A 465 5.77 -7.94 -2.45
CA ARG A 465 4.48 -7.25 -2.14
C ARG A 465 4.41 -5.81 -2.69
N ARG A 466 5.50 -5.06 -2.65
CA ARG A 466 5.48 -3.67 -3.21
C ARG A 466 5.39 -3.59 -4.71
N VAL A 467 6.08 -4.51 -5.37
CA VAL A 467 5.87 -4.73 -6.83
C VAL A 467 4.40 -5.03 -7.14
N ARG A 468 3.79 -5.95 -6.38
CA ARG A 468 2.42 -6.31 -6.63
C ARG A 468 1.49 -5.09 -6.64
N GLU A 469 1.67 -4.23 -5.61
CA GLU A 469 0.94 -2.94 -5.59
C GLU A 469 1.22 -2.07 -6.82
N GLN A 470 2.49 -1.95 -7.19
CA GLN A 470 2.83 -1.15 -8.37
C GLN A 470 2.25 -1.70 -9.67
N LEU A 471 2.08 -3.05 -9.75
CA LEU A 471 1.54 -3.70 -10.96
C LEU A 471 0.03 -3.32 -11.08
N LYS A 472 -0.70 -3.29 -9.97
CA LYS A 472 -2.10 -2.84 -9.99
C LYS A 472 -2.18 -1.42 -10.54
N ASN A 473 -1.33 -0.55 -10.00
CA ASN A 473 -1.24 0.82 -10.47
C ASN A 473 -0.98 0.87 -11.98
N LEU A 474 0.01 0.09 -12.42
CA LEU A 474 0.36 0.09 -13.83
C LEU A 474 -0.85 -0.28 -14.72
N LYS A 475 -1.57 -1.35 -14.38
CA LYS A 475 -2.71 -1.65 -15.20
C LYS A 475 -3.76 -0.53 -15.26
N TYR A 476 -3.96 0.18 -14.14
CA TYR A 476 -4.88 1.36 -14.24
C TYR A 476 -4.45 2.38 -15.26
N VAL A 477 -3.16 2.68 -15.26
CA VAL A 477 -2.70 3.71 -16.17
C VAL A 477 -2.71 3.17 -17.61
N PHE A 478 -2.22 1.93 -17.79
CA PHE A 478 -2.36 1.26 -19.10
C PHE A 478 -3.81 1.30 -19.64
N SER A 479 -4.78 0.97 -18.77
CA SER A 479 -6.19 0.93 -19.14
C SER A 479 -6.65 2.22 -19.73
N PHE A 480 -6.30 3.33 -19.05
CA PHE A 480 -6.64 4.60 -19.66
C PHE A 480 -5.90 4.97 -20.96
N GLU A 481 -4.58 4.65 -21.09
CA GLU A 481 -3.95 4.80 -22.42
C GLU A 481 -4.75 4.00 -23.48
N LEU A 482 -5.13 2.75 -23.21
CA LEU A 482 -5.77 1.92 -24.20
C LEU A 482 -7.15 2.52 -24.49
N LEU A 483 -7.93 2.86 -23.44
CA LEU A 483 -9.19 3.60 -23.61
C LEU A 483 -9.00 4.82 -24.51
N CYS A 484 -8.00 5.71 -24.24
CA CYS A 484 -7.65 6.81 -25.12
C CYS A 484 -7.38 6.35 -26.55
N ALA A 485 -6.56 5.31 -26.67
CA ALA A 485 -6.14 4.93 -28.03
C ALA A 485 -7.36 4.52 -28.91
N CYS A 486 -8.30 3.75 -28.32
CA CYS A 486 -9.50 3.30 -29.00
C CYS A 486 -10.36 4.51 -29.40
N GLN A 487 -10.49 5.48 -28.49
CA GLN A 487 -11.34 6.61 -28.81
C GLN A 487 -10.62 7.40 -29.91
N ALA A 488 -9.29 7.46 -29.83
CA ALA A 488 -8.52 8.21 -30.84
C ALA A 488 -8.69 7.54 -32.25
N VAL A 489 -8.54 6.22 -32.35
CA VAL A 489 -8.68 5.63 -33.71
C VAL A 489 -10.15 5.72 -34.26
N ASP A 490 -11.15 5.64 -33.36
CA ASP A 490 -12.55 5.94 -33.75
C ASP A 490 -12.68 7.33 -34.39
N ILE A 491 -12.00 8.32 -33.84
CA ILE A 491 -11.94 9.64 -34.33
C ILE A 491 -11.12 9.80 -35.64
N ARG A 492 -9.99 9.08 -35.75
CA ARG A 492 -9.26 8.97 -37.01
C ARG A 492 -10.04 8.25 -38.13
N GLY A 493 -10.87 7.30 -37.74
CA GLY A 493 -11.48 6.31 -38.66
C GLY A 493 -10.66 5.04 -38.52
N THR A 494 -11.33 3.93 -38.30
CA THR A 494 -10.66 2.67 -38.08
C THR A 494 -10.39 1.81 -39.31
N ALA A 495 -10.75 2.31 -40.50
CA ALA A 495 -10.52 1.51 -41.74
C ALA A 495 -9.02 1.09 -41.85
N GLY A 496 -8.13 1.99 -41.48
CA GLY A 496 -6.67 1.77 -41.69
C GLY A 496 -5.97 1.03 -40.52
N LEU A 497 -6.70 0.51 -39.51
CA LEU A 497 -6.06 -0.23 -38.36
C LEU A 497 -5.28 -1.43 -38.87
N SER A 498 -4.11 -1.73 -38.26
CA SER A 498 -3.47 -2.98 -38.53
C SER A 498 -4.36 -4.10 -38.05
N LYS A 499 -4.16 -5.31 -38.59
CA LYS A 499 -4.85 -6.50 -38.10
C LYS A 499 -4.67 -6.76 -36.59
N ARG A 500 -3.41 -6.70 -36.13
CA ARG A 500 -3.17 -7.05 -34.73
C ARG A 500 -3.76 -5.94 -33.80
N THR A 501 -3.56 -4.68 -34.14
CA THR A 501 -4.11 -3.62 -33.29
C THR A 501 -5.67 -3.64 -33.39
N ARG A 502 -6.25 -3.95 -34.57
CA ARG A 502 -7.70 -3.99 -34.68
C ARG A 502 -8.26 -5.07 -33.75
N ALA A 503 -7.54 -6.21 -33.63
CA ALA A 503 -7.98 -7.23 -32.65
C ALA A 503 -8.14 -6.73 -31.18
N LEU A 504 -7.19 -5.91 -30.78
CA LEU A 504 -7.16 -5.31 -29.45
C LEU A 504 -8.23 -4.23 -29.26
N TYR A 505 -8.40 -3.43 -30.29
CA TYR A 505 -9.44 -2.37 -30.38
C TYR A 505 -10.81 -3.07 -30.25
N ASP A 506 -11.00 -4.13 -31.05
CA ASP A 506 -12.24 -4.90 -30.95
C ASP A 506 -12.52 -5.46 -29.60
N LYS A 507 -11.53 -6.11 -28.96
CA LYS A 507 -11.74 -6.70 -27.66
C LYS A 507 -12.13 -5.58 -26.65
N THR A 508 -11.43 -4.47 -26.73
CA THR A 508 -11.74 -3.33 -25.78
C THR A 508 -13.16 -2.76 -26.00
N ARG A 509 -13.53 -2.61 -27.27
CA ARG A 509 -14.85 -2.14 -27.67
C ARG A 509 -15.94 -3.13 -27.20
N THR A 510 -15.61 -4.34 -26.77
CA THR A 510 -16.63 -5.19 -26.16
C THR A 510 -16.91 -4.82 -24.71
N LEU A 511 -16.07 -3.95 -24.15
CA LEU A 511 -16.15 -3.56 -22.74
C LEU A 511 -16.48 -2.10 -22.58
N VAL A 512 -15.95 -1.26 -23.49
CA VAL A 512 -16.12 0.17 -23.46
C VAL A 512 -16.51 0.71 -24.86
N PRO A 513 -17.59 1.52 -24.93
CA PRO A 513 -17.96 2.11 -26.22
C PRO A 513 -17.12 3.32 -26.53
N TYR A 514 -17.13 3.72 -27.78
CA TYR A 514 -16.77 5.08 -28.13
C TYR A 514 -17.63 6.02 -27.26
N LEU A 515 -17.05 7.10 -26.74
CA LEU A 515 -17.77 7.93 -25.78
C LEU A 515 -18.11 9.31 -26.36
N GLU A 516 -19.37 9.50 -26.72
CA GLU A 516 -19.78 10.81 -27.23
C GLU A 516 -20.55 11.58 -26.18
N GLU A 517 -20.71 11.03 -25.00
CA GLU A 517 -21.20 11.84 -23.91
C GLU A 517 -20.29 11.63 -22.72
N ASP A 518 -20.31 12.61 -21.82
CA ASP A 518 -19.50 12.54 -20.57
C ASP A 518 -20.07 11.47 -19.68
N LYS A 519 -19.23 10.55 -19.21
CA LYS A 519 -19.75 9.50 -18.36
C LYS A 519 -18.61 9.13 -17.38
N THR A 520 -18.95 8.78 -16.14
CA THR A 520 -17.94 8.20 -15.22
C THR A 520 -17.27 6.98 -15.86
N ILE A 521 -15.93 7.02 -15.89
CA ILE A 521 -15.14 5.89 -16.47
C ILE A 521 -14.59 4.89 -15.44
N SER A 522 -14.86 5.09 -14.14
CA SER A 522 -14.32 4.21 -13.09
C SER A 522 -14.52 2.72 -13.36
N ASP A 523 -15.78 2.34 -13.69
CA ASP A 523 -16.06 0.93 -14.01
C ASP A 523 -15.46 0.45 -15.35
N TYR A 524 -15.53 1.30 -16.35
CA TYR A 524 -14.88 0.98 -17.65
C TYR A 524 -13.39 0.64 -17.47
N ILE A 525 -12.70 1.43 -16.65
CA ILE A 525 -11.26 1.28 -16.44
C ILE A 525 -10.99 -0.05 -15.71
N GLU A 526 -11.79 -0.38 -14.65
CA GLU A 526 -11.72 -1.63 -13.86
C GLU A 526 -11.92 -2.83 -14.80
N SER A 527 -12.79 -2.63 -15.78
CA SER A 527 -13.21 -3.70 -16.70
C SER A 527 -12.04 -4.03 -17.66
N ILE A 528 -11.41 -3.01 -18.20
CA ILE A 528 -10.32 -3.21 -19.11
C ILE A 528 -9.15 -3.81 -18.31
N ALA A 529 -8.88 -3.23 -17.12
CA ALA A 529 -7.79 -3.78 -16.28
C ALA A 529 -7.95 -5.25 -16.03
N GLN A 530 -9.17 -5.65 -15.63
CA GLN A 530 -9.48 -7.04 -15.30
C GLN A 530 -9.52 -7.98 -16.48
N THR A 531 -10.02 -7.52 -17.61
CA THR A 531 -10.33 -8.38 -18.78
C THR A 531 -9.30 -8.26 -19.90
N VAL A 532 -8.76 -7.10 -20.11
CA VAL A 532 -7.77 -7.01 -21.18
C VAL A 532 -6.35 -7.25 -20.64
N LEU A 533 -6.08 -6.73 -19.44
CA LEU A 533 -4.69 -6.61 -18.98
C LEU A 533 -4.29 -7.61 -17.91
N THR A 534 -5.16 -8.61 -17.65
CA THR A 534 -4.93 -9.56 -16.59
C THR A 534 -5.06 -11.04 -17.04
N LYS A 535 -4.15 -11.87 -16.55
CA LYS A 535 -4.19 -13.30 -16.79
C LYS A 535 -4.50 -13.91 -15.41
N ASN A 536 -3.68 -13.52 -14.42
CA ASN A 536 -3.83 -14.08 -13.07
C ASN A 536 -4.71 -13.15 -12.27
N SER A 537 -6.02 -13.47 -12.23
CA SER A 537 -6.99 -12.57 -11.60
C SER A 537 -6.89 -12.55 -10.06
N ASP A 538 -6.23 -13.50 -9.42
CA ASP A 538 -6.04 -13.57 -7.96
C ASP A 538 -5.07 -12.50 -7.47
N ILE A 539 -4.09 -12.21 -8.32
CA ILE A 539 -3.08 -11.20 -8.00
C ILE A 539 -3.66 -9.79 -8.06
N SER B 26 -26.41 15.64 18.00
CA SER B 26 -26.42 16.34 16.65
C SER B 26 -25.04 17.00 16.37
N PHE B 27 -24.60 17.04 15.12
CA PHE B 27 -23.45 17.87 14.70
C PHE B 27 -24.09 19.23 14.29
N HIS B 28 -24.12 20.21 15.20
CA HIS B 28 -24.80 21.53 14.95
C HIS B 28 -23.86 22.49 14.21
N ILE B 29 -24.29 23.05 13.10
CA ILE B 29 -23.50 24.05 12.38
C ILE B 29 -24.14 25.44 12.58
N SER B 30 -23.43 26.38 13.19
CA SER B 30 -23.90 27.77 13.30
C SER B 30 -22.86 28.75 12.73
N SER B 31 -23.27 29.96 12.30
CA SER B 31 -22.39 30.82 11.47
C SER B 31 -21.34 31.50 12.39
N GLY B 32 -20.10 31.68 11.90
CA GLY B 32 -18.94 32.03 12.76
C GLY B 32 -19.01 31.24 14.06
N LYS B 33 -18.14 30.25 14.21
CA LYS B 33 -18.26 29.18 15.25
C LYS B 33 -17.62 27.97 14.63
N ASP B 34 -16.31 27.92 14.69
CA ASP B 34 -15.55 26.86 14.04
C ASP B 34 -15.87 25.51 14.61
N ILE B 35 -15.75 24.52 13.75
CA ILE B 35 -15.95 23.15 14.09
C ILE B 35 -14.59 22.57 14.52
N SER B 36 -14.53 21.84 15.62
CA SER B 36 -13.26 21.26 16.05
C SER B 36 -13.04 19.89 15.38
N LEU B 37 -11.76 19.45 15.31
CA LEU B 37 -11.45 18.17 14.66
C LEU B 37 -12.09 17.04 15.46
N GLU B 38 -12.16 17.20 16.78
CA GLU B 38 -12.79 16.22 17.64
C GLU B 38 -14.30 16.05 17.28
N GLU B 39 -15.04 17.16 17.12
CA GLU B 39 -16.46 17.11 16.80
C GLU B 39 -16.69 16.42 15.46
N ILE B 40 -15.91 16.81 14.44
CA ILE B 40 -16.09 16.20 13.14
C ILE B 40 -15.69 14.72 13.12
N ALA B 41 -14.64 14.34 13.87
CA ALA B 41 -14.29 12.91 13.90
C ALA B 41 -15.36 12.10 14.61
N ARG B 42 -15.93 12.65 15.70
CA ARG B 42 -16.99 11.92 16.45
C ARG B 42 -18.26 11.79 15.56
N ALA B 43 -18.61 12.90 14.90
CA ALA B 43 -19.78 12.97 14.02
C ALA B 43 -19.66 11.88 12.95
N ALA B 44 -18.48 11.79 12.33
CA ALA B 44 -18.20 10.82 11.27
C ALA B 44 -18.24 9.38 11.80
N ARG B 45 -17.57 9.11 12.94
CA ARG B 45 -17.51 7.77 13.50
C ARG B 45 -18.90 7.28 13.87
N ASP B 46 -19.71 8.16 14.42
CA ASP B 46 -20.99 7.79 15.09
C ASP B 46 -22.19 8.02 14.16
N HIS B 47 -21.96 8.61 12.97
CA HIS B 47 -23.05 9.07 12.08
C HIS B 47 -24.01 10.01 12.83
N GLN B 48 -23.49 11.06 13.41
CA GLN B 48 -24.33 12.07 14.01
C GLN B 48 -25.06 12.87 12.94
N PRO B 49 -26.37 13.13 13.13
CA PRO B 49 -27.05 13.97 12.17
C PRO B 49 -26.58 15.43 12.21
N VAL B 50 -26.59 16.08 11.08
CA VAL B 50 -26.28 17.53 10.98
C VAL B 50 -27.58 18.34 11.31
N THR B 51 -27.48 19.34 12.17
CA THR B 51 -28.57 20.31 12.29
C THR B 51 -28.03 21.70 11.98
N LEU B 52 -28.87 22.61 11.49
CA LEU B 52 -28.44 23.94 11.12
C LEU B 52 -29.11 24.98 12.03
N HIS B 53 -28.33 26.00 12.35
CA HIS B 53 -28.80 27.26 12.90
C HIS B 53 -29.46 28.06 11.71
N ASP B 54 -30.52 28.80 12.05
CA ASP B 54 -31.23 29.60 11.08
C ASP B 54 -30.33 30.55 10.29
N GLU B 55 -29.38 31.11 10.85
CA GLU B 55 -28.51 32.09 10.18
C GLU B 55 -27.69 31.38 9.08
N VAL B 56 -27.33 30.14 9.34
CA VAL B 56 -26.63 29.39 8.27
C VAL B 56 -27.57 29.24 7.05
N VAL B 57 -28.80 28.76 7.28
CA VAL B 57 -29.78 28.71 6.19
C VAL B 57 -29.85 30.08 5.47
N ASN B 58 -29.95 31.18 6.24
CA ASN B 58 -29.96 32.55 5.64
C ASN B 58 -28.75 32.90 4.81
N ARG B 59 -27.53 32.66 5.30
CA ARG B 59 -26.28 32.99 4.57
C ARG B 59 -26.19 32.14 3.32
N VAL B 60 -26.55 30.85 3.41
CA VAL B 60 -26.53 29.92 2.24
C VAL B 60 -27.50 30.44 1.13
N THR B 61 -28.78 30.64 1.47
CA THR B 61 -29.75 31.34 0.56
C THR B 61 -29.26 32.62 -0.04
N ARG B 62 -28.74 33.56 0.80
CA ARG B 62 -28.31 34.88 0.30
C ARG B 62 -27.17 34.76 -0.68
N SER B 63 -26.24 33.83 -0.40
CA SER B 63 -25.15 33.53 -1.35
C SER B 63 -25.71 33.24 -2.79
N ARG B 64 -26.65 32.28 -2.92
CA ARG B 64 -27.27 31.92 -4.18
C ARG B 64 -27.98 33.15 -4.84
N SER B 65 -28.57 34.05 -4.04
CA SER B 65 -29.30 35.22 -4.60
C SER B 65 -28.35 36.17 -5.18
N ILE B 66 -27.23 36.35 -4.48
CA ILE B 66 -26.21 37.27 -4.98
C ILE B 66 -25.69 36.74 -6.36
N LEU B 67 -25.36 35.45 -6.43
CA LEU B 67 -24.95 34.90 -7.71
C LEU B 67 -26.07 35.09 -8.77
N GLU B 68 -27.32 34.79 -8.41
CA GLU B 68 -28.46 34.97 -9.37
C GLU B 68 -28.52 36.39 -9.89
N SER B 69 -28.24 37.38 -9.00
CA SER B 69 -28.18 38.77 -9.41
CA SER B 69 -28.16 38.79 -9.37
C SER B 69 -26.98 39.06 -10.32
N MET B 70 -25.79 38.49 -10.00
CA MET B 70 -24.62 38.62 -10.88
C MET B 70 -24.84 38.02 -12.30
N VAL B 71 -25.55 36.90 -12.37
CA VAL B 71 -25.79 36.26 -13.69
C VAL B 71 -26.67 37.27 -14.54
N SER B 72 -27.74 37.81 -13.96
CA SER B 72 -28.50 38.94 -14.59
C SER B 72 -27.70 40.14 -14.99
N ASP B 73 -26.68 40.49 -14.23
CA ASP B 73 -25.78 41.56 -14.65
C ASP B 73 -24.75 41.12 -15.69
N GLU B 74 -24.92 39.90 -16.21
CA GLU B 74 -24.00 39.29 -17.17
C GLU B 74 -22.51 39.37 -16.75
N ARG B 75 -22.27 39.11 -15.48
CA ARG B 75 -20.88 38.91 -15.03
C ARG B 75 -20.38 37.61 -15.72
N VAL B 76 -19.06 37.50 -15.95
CA VAL B 76 -18.47 36.19 -16.39
C VAL B 76 -17.92 35.38 -15.21
N ILE B 77 -18.45 34.20 -14.98
CA ILE B 77 -17.99 33.51 -13.80
C ILE B 77 -17.69 32.05 -14.16
N TYR B 78 -16.55 31.54 -13.72
CA TYR B 78 -16.12 30.19 -14.05
C TYR B 78 -17.16 29.18 -13.54
N GLY B 79 -17.48 28.18 -14.37
CA GLY B 79 -18.45 27.14 -14.02
C GLY B 79 -19.89 27.60 -13.95
N VAL B 80 -20.11 28.85 -14.29
CA VAL B 80 -21.46 29.44 -14.36
C VAL B 80 -21.81 29.69 -15.87
N ASN B 81 -21.04 30.49 -16.57
CA ASN B 81 -21.23 30.67 -18.00
C ASN B 81 -19.91 30.47 -18.68
N THR B 82 -18.99 29.73 -18.01
CA THR B 82 -17.79 29.20 -18.74
C THR B 82 -17.68 27.70 -18.45
N SER B 83 -16.96 26.99 -19.33
CA SER B 83 -16.69 25.60 -19.05
C SER B 83 -15.48 25.62 -18.06
N MET B 84 -14.82 24.48 -17.93
CA MET B 84 -14.00 24.26 -16.73
C MET B 84 -12.78 23.45 -17.15
N GLY B 85 -11.73 23.51 -16.31
CA GLY B 85 -10.50 22.75 -16.57
C GLY B 85 -9.88 23.12 -17.88
N GLY B 86 -9.59 22.11 -18.72
CA GLY B 86 -8.93 22.35 -19.99
C GLY B 86 -9.81 23.18 -20.94
N PHE B 87 -11.10 23.35 -20.60
CA PHE B 87 -12.03 24.15 -21.45
C PHE B 87 -12.40 25.45 -20.72
N VAL B 88 -11.50 25.92 -19.83
CA VAL B 88 -11.71 27.16 -19.07
C VAL B 88 -12.10 28.37 -20.03
N ASN B 89 -11.57 28.36 -21.23
CA ASN B 89 -11.73 29.52 -22.13
C ASN B 89 -13.04 29.41 -22.99
N TYR B 90 -13.82 28.32 -22.86
CA TYR B 90 -15.08 28.13 -23.62
C TYR B 90 -16.21 28.78 -22.86
N ILE B 91 -16.99 29.59 -23.56
CA ILE B 91 -18.20 30.23 -23.01
C ILE B 91 -19.31 29.20 -23.17
N VAL B 92 -20.17 29.12 -22.17
CA VAL B 92 -21.30 28.19 -22.14
C VAL B 92 -22.54 28.98 -21.65
N PRO B 93 -23.61 29.01 -22.47
CA PRO B 93 -24.76 29.83 -22.08
C PRO B 93 -25.39 29.35 -20.81
N ILE B 94 -25.94 30.29 -20.07
CA ILE B 94 -26.69 29.92 -18.90
C ILE B 94 -27.78 28.87 -19.20
N ALA B 95 -28.43 28.92 -20.39
CA ALA B 95 -29.50 27.92 -20.69
C ALA B 95 -29.02 26.49 -20.59
N LYS B 96 -27.72 26.29 -20.83
CA LYS B 96 -27.16 24.94 -20.85
C LYS B 96 -26.55 24.48 -19.48
N ALA B 97 -26.93 25.15 -18.39
CA ALA B 97 -26.25 24.96 -17.05
C ALA B 97 -26.42 23.62 -16.52
N SER B 98 -27.67 23.17 -16.51
CA SER B 98 -27.91 21.88 -15.99
C SER B 98 -27.08 20.80 -16.76
N GLU B 99 -27.00 20.97 -18.08
CA GLU B 99 -26.38 19.95 -18.88
C GLU B 99 -24.81 20.02 -18.64
N LEU B 100 -24.25 21.23 -18.60
CA LEU B 100 -22.83 21.39 -18.27
C LEU B 100 -22.43 20.84 -16.86
N GLN B 101 -23.29 21.11 -15.85
CA GLN B 101 -23.01 20.65 -14.47
C GLN B 101 -23.06 19.13 -14.38
N ASN B 102 -24.05 18.51 -15.06
CA ASN B 102 -24.16 17.08 -15.11
C ASN B 102 -22.98 16.44 -15.86
N ASN B 103 -22.53 17.08 -16.96
CA ASN B 103 -21.33 16.60 -17.69
C ASN B 103 -20.05 16.67 -16.79
N LEU B 104 -19.87 17.83 -16.15
CA LEU B 104 -18.81 18.06 -15.16
C LEU B 104 -18.68 16.91 -14.20
N ILE B 105 -19.75 16.56 -13.49
CA ILE B 105 -19.62 15.54 -12.43
C ILE B 105 -19.40 14.08 -12.93
N ASN B 106 -19.88 13.76 -14.16
CA ASN B 106 -19.56 12.50 -14.79
C ASN B 106 -18.12 12.52 -15.28
N ALA B 107 -17.69 13.62 -15.89
CA ALA B 107 -16.42 13.60 -16.61
C ALA B 107 -15.24 13.40 -15.61
N VAL B 108 -15.33 14.07 -14.45
CA VAL B 108 -14.17 14.05 -13.47
C VAL B 108 -14.25 12.95 -12.45
N ALA B 109 -15.29 12.13 -12.50
CA ALA B 109 -15.29 11.02 -11.63
C ALA B 109 -14.51 9.87 -12.22
N THR B 110 -13.16 9.89 -12.07
CA THR B 110 -12.33 8.89 -12.74
C THR B 110 -11.51 8.14 -11.69
N ASN B 111 -11.85 8.25 -10.38
CA ASN B 111 -11.18 7.39 -9.37
C ASN B 111 -11.44 5.88 -9.59
N VAL B 112 -10.51 5.05 -9.19
CA VAL B 112 -10.52 3.63 -9.38
C VAL B 112 -10.02 3.01 -8.06
N GLY B 113 -10.13 1.70 -7.94
CA GLY B 113 -9.61 0.99 -6.79
C GLY B 113 -10.72 0.71 -5.77
N LYS B 114 -10.33 0.32 -4.59
CA LYS B 114 -11.33 -0.14 -3.63
C LYS B 114 -12.06 1.07 -3.05
N TYR B 115 -13.26 0.88 -2.51
CA TYR B 115 -14.04 2.02 -1.99
C TYR B 115 -13.68 2.45 -0.59
N PHE B 116 -13.69 3.76 -0.31
CA PHE B 116 -13.40 4.16 1.05
C PHE B 116 -14.47 3.58 2.00
N ASP B 117 -14.08 3.39 3.27
CA ASP B 117 -15.00 2.95 4.32
C ASP B 117 -16.01 4.07 4.60
N ASP B 118 -17.13 3.67 5.17
CA ASP B 118 -18.25 4.56 5.48
C ASP B 118 -17.87 5.76 6.34
N THR B 119 -16.94 5.58 7.29
CA THR B 119 -16.61 6.69 8.17
C THR B 119 -15.84 7.78 7.42
N THR B 120 -14.94 7.33 6.57
CA THR B 120 -14.18 8.34 5.77
C THR B 120 -15.11 9.09 4.79
N VAL B 121 -16.03 8.33 4.19
CA VAL B 121 -17.06 8.96 3.33
C VAL B 121 -17.94 9.96 4.12
N ARG B 122 -18.38 9.60 5.30
CA ARG B 122 -19.11 10.53 6.17
C ARG B 122 -18.28 11.79 6.47
N ALA B 123 -17.07 11.57 6.95
CA ALA B 123 -16.13 12.71 7.18
C ALA B 123 -16.03 13.66 5.98
N THR B 124 -15.90 13.10 4.77
CA THR B 124 -15.75 13.87 3.56
C THR B 124 -17.03 14.72 3.26
N MET B 125 -18.19 14.08 3.39
CA MET B 125 -19.44 14.76 3.21
C MET B 125 -19.61 15.84 4.27
N LEU B 126 -19.22 15.60 5.55
CA LEU B 126 -19.34 16.59 6.62
C LEU B 126 -18.42 17.79 6.34
N ALA B 127 -17.23 17.52 5.81
CA ALA B 127 -16.23 18.61 5.54
C ALA B 127 -16.79 19.45 4.38
N ARG B 128 -17.37 18.81 3.37
CA ARG B 128 -18.02 19.56 2.29
C ARG B 128 -19.21 20.41 2.81
N ILE B 129 -20.07 19.78 3.61
CA ILE B 129 -21.18 20.51 4.23
C ILE B 129 -20.68 21.74 5.01
N VAL B 130 -19.61 21.56 5.83
CA VAL B 130 -18.97 22.74 6.49
C VAL B 130 -18.52 23.86 5.56
N SER B 131 -17.75 23.52 4.49
CA SER B 131 -17.28 24.51 3.57
C SER B 131 -18.46 25.26 2.93
N LEU B 132 -19.50 24.52 2.49
CA LEU B 132 -20.63 25.16 1.78
C LEU B 132 -21.45 26.03 2.79
N SER B 133 -21.40 25.63 4.05
CA SER B 133 -22.26 26.29 5.11
C SER B 133 -21.78 27.69 5.34
N ARG B 134 -20.56 28.03 4.90
CA ARG B 134 -20.02 29.36 5.17
C ARG B 134 -20.62 30.47 4.32
N GLY B 135 -21.39 30.10 3.30
CA GLY B 135 -22.03 31.17 2.54
C GLY B 135 -21.24 31.87 1.45
N ASN B 136 -20.14 31.25 0.97
CA ASN B 136 -19.35 31.90 -0.09
C ASN B 136 -19.45 31.13 -1.41
N SER B 137 -20.18 30.03 -1.42
CA SER B 137 -20.15 29.08 -2.52
C SER B 137 -21.35 29.20 -3.51
N ALA B 138 -22.41 29.89 -3.07
CA ALA B 138 -23.60 30.07 -3.89
C ALA B 138 -24.25 28.76 -4.43
N ILE B 139 -24.15 27.65 -3.69
CA ILE B 139 -25.01 26.47 -3.89
C ILE B 139 -26.45 26.89 -3.45
N SER B 140 -27.46 26.34 -4.13
CA SER B 140 -28.85 26.75 -3.84
C SER B 140 -29.19 26.18 -2.44
N ILE B 141 -30.00 26.86 -1.66
CA ILE B 141 -30.35 26.28 -0.37
C ILE B 141 -31.03 24.89 -0.47
N VAL B 142 -31.78 24.70 -1.56
CA VAL B 142 -32.45 23.43 -1.81
C VAL B 142 -31.45 22.28 -1.87
N ASN B 143 -30.39 22.47 -2.67
CA ASN B 143 -29.35 21.47 -2.80
C ASN B 143 -28.42 21.34 -1.59
N PHE B 144 -28.16 22.43 -0.88
CA PHE B 144 -27.49 22.34 0.41
C PHE B 144 -28.23 21.45 1.41
N LYS B 145 -29.50 21.74 1.64
CA LYS B 145 -30.34 20.81 2.46
C LYS B 145 -30.42 19.39 1.98
N LYS B 146 -30.44 19.18 0.68
CA LYS B 146 -30.52 17.80 0.17
C LYS B 146 -29.22 17.02 0.48
N LEU B 147 -28.11 17.74 0.41
CA LEU B 147 -26.81 17.12 0.69
C LEU B 147 -26.79 16.71 2.13
N ILE B 148 -27.30 17.57 3.01
CA ILE B 148 -27.45 17.21 4.43
C ILE B 148 -28.43 16.05 4.67
N GLU B 149 -29.55 16.06 3.95
CA GLU B 149 -30.55 15.00 4.12
C GLU B 149 -29.96 13.65 3.62
N ILE B 150 -29.19 13.66 2.51
CA ILE B 150 -28.57 12.43 1.99
C ILE B 150 -27.57 11.88 3.02
N TYR B 151 -26.72 12.76 3.54
CA TYR B 151 -25.88 12.38 4.68
C TYR B 151 -26.72 11.87 5.86
N ASN B 152 -27.66 12.69 6.35
CA ASN B 152 -28.44 12.29 7.56
C ASN B 152 -29.15 10.97 7.40
N GLN B 153 -29.67 10.64 6.21
CA GLN B 153 -30.44 9.37 6.04
C GLN B 153 -29.56 8.17 5.90
N GLY B 154 -28.24 8.39 5.76
CA GLY B 154 -27.34 7.23 5.87
C GLY B 154 -26.94 6.69 4.52
N ILE B 155 -27.04 7.54 3.49
CA ILE B 155 -26.60 7.12 2.18
C ILE B 155 -25.07 7.32 2.15
N VAL B 156 -24.32 6.29 1.75
CA VAL B 156 -22.83 6.36 1.72
C VAL B 156 -22.35 6.13 0.26
N PRO B 157 -22.09 7.20 -0.49
CA PRO B 157 -21.55 7.06 -1.89
C PRO B 157 -20.32 6.13 -1.95
N CYS B 158 -20.20 5.36 -3.02
CA CYS B 158 -19.09 4.45 -3.22
C CYS B 158 -17.99 5.34 -3.81
N ILE B 159 -16.93 5.52 -3.04
CA ILE B 159 -15.81 6.42 -3.48
C ILE B 159 -14.54 5.59 -3.70
N PRO B 160 -14.15 5.42 -4.99
CA PRO B 160 -12.89 4.67 -5.22
C PRO B 160 -11.64 5.49 -4.74
N GLU B 161 -10.69 4.81 -4.08
CA GLU B 161 -9.64 5.49 -3.34
C GLU B 161 -8.54 6.09 -4.18
N LYS B 162 -8.23 5.40 -5.30
CA LYS B 162 -7.09 5.84 -6.13
C LYS B 162 -7.41 6.88 -7.19
N GLY B 163 -6.42 7.75 -7.43
CA GLY B 163 -6.45 8.76 -8.44
C GLY B 163 -6.83 10.12 -7.79
N SER B 164 -7.12 11.09 -8.61
CA SER B 164 -7.35 12.49 -8.23
C SER B 164 -6.08 13.31 -7.81
N LEU B 165 -6.17 14.60 -8.00
CA LEU B 165 -4.93 15.46 -7.97
C LEU B 165 -4.77 16.23 -6.65
N GLY B 166 -5.80 16.26 -5.81
CA GLY B 166 -5.74 17.06 -4.55
C GLY B 166 -5.64 18.54 -4.90
C3 KWS B 167 -9.63 18.35 -5.39
N1 KWS B 167 -6.35 19.17 -6.07
O3 KWS B 167 -9.17 17.65 -6.38
C1 KWS B 167 -7.88 20.61 -7.12
C2 KWS B 167 -9.98 20.67 -7.30
N2 KWS B 167 -8.15 21.03 -8.34
O2 KWS B 167 -11.37 20.44 -6.90
N3 KWS B 167 -9.04 20.38 -6.43
CA1 KWS B 167 -6.57 20.51 -6.50
CB KWS B 167 -5.53 21.01 -7.49
CA2 KWS B 167 -9.50 21.10 -8.51
CA3 KWS B 167 -9.25 19.82 -5.12
CB2 KWS B 167 -10.28 21.44 -9.74
OG1 KWS B 167 -5.59 20.02 -8.56
CG2 KWS B 167 -4.13 21.10 -6.89
N ASP B 168 -10.40 17.65 -4.59
CA ASP B 168 -10.63 16.20 -4.59
C ASP B 168 -11.77 15.92 -5.61
N LEU B 169 -11.53 16.24 -6.88
CA LEU B 169 -12.58 16.14 -7.94
C LEU B 169 -13.18 14.76 -8.00
N GLY B 170 -12.36 13.75 -8.24
CA GLY B 170 -12.89 12.37 -8.31
C GLY B 170 -13.75 11.89 -7.16
N PRO B 171 -13.22 11.94 -5.91
CA PRO B 171 -14.03 11.47 -4.80
C PRO B 171 -15.34 12.27 -4.60
N LEU B 172 -15.26 13.59 -4.69
CA LEU B 172 -16.39 14.49 -4.41
C LEU B 172 -17.46 14.39 -5.56
N ALA B 173 -17.00 14.09 -6.78
CA ALA B 173 -17.86 13.93 -7.96
C ALA B 173 -18.60 12.60 -7.76
N ALA B 174 -17.98 11.59 -7.12
CA ALA B 174 -18.65 10.30 -6.88
C ALA B 174 -19.84 10.57 -5.93
N ILE B 175 -19.63 11.51 -4.99
CA ILE B 175 -20.69 11.86 -4.06
C ILE B 175 -21.80 12.60 -4.82
N ALA B 176 -21.41 13.57 -5.62
CA ALA B 176 -22.37 14.37 -6.35
C ALA B 176 -23.22 13.49 -7.32
N LEU B 177 -22.61 12.46 -7.91
CA LEU B 177 -23.33 11.60 -8.84
C LEU B 177 -24.48 10.90 -8.09
N VAL B 178 -24.18 10.33 -6.93
CA VAL B 178 -25.16 9.73 -6.03
C VAL B 178 -26.28 10.77 -5.70
N CYS B 179 -25.89 12.00 -5.37
CA CYS B 179 -26.85 13.05 -4.99
C CYS B 179 -27.84 13.37 -6.10
N THR B 180 -27.45 13.12 -7.35
CA THR B 180 -28.26 13.34 -8.56
C THR B 180 -28.92 12.04 -9.06
N GLY B 181 -28.81 10.98 -8.28
CA GLY B 181 -29.42 9.70 -8.56
C GLY B 181 -28.70 8.88 -9.63
N GLN B 182 -27.38 9.09 -9.70
CA GLN B 182 -26.46 8.33 -10.58
C GLN B 182 -25.47 7.49 -9.71
N TRP B 183 -24.65 6.68 -10.36
CA TRP B 183 -23.54 5.97 -9.71
C TRP B 183 -24.05 4.94 -8.68
N LYS B 184 -23.34 4.72 -7.54
CA LYS B 184 -23.62 3.63 -6.61
C LYS B 184 -23.31 4.08 -5.20
N ALA B 185 -24.01 3.51 -4.24
CA ALA B 185 -23.93 3.92 -2.84
C ALA B 185 -24.30 2.75 -1.96
N ARG B 186 -23.78 2.73 -0.73
CA ARG B 186 -24.32 1.84 0.30
C ARG B 186 -25.45 2.51 1.00
N TYR B 187 -26.48 1.71 1.25
CA TYR B 187 -27.62 2.18 2.06
C TYR B 187 -28.12 1.00 2.86
N GLN B 188 -28.12 1.17 4.17
CA GLN B 188 -28.56 0.12 5.11
C GLN B 188 -27.86 -1.18 4.84
N GLY B 189 -26.55 -1.09 4.67
CA GLY B 189 -25.74 -2.29 4.56
C GLY B 189 -25.74 -2.96 3.20
N GLU B 190 -26.35 -2.37 2.18
CA GLU B 190 -26.15 -2.93 0.84
C GLU B 190 -25.80 -1.92 -0.23
N GLN B 191 -25.02 -2.35 -1.22
CA GLN B 191 -24.66 -1.52 -2.35
C GLN B 191 -25.80 -1.56 -3.39
N MET B 192 -26.15 -0.41 -3.94
CA MET B 192 -27.22 -0.26 -4.94
C MET B 192 -26.91 0.99 -5.78
N SER B 193 -27.69 1.27 -6.83
CA SER B 193 -27.54 2.49 -7.62
C SER B 193 -27.84 3.76 -6.78
N GLY B 194 -27.28 4.91 -7.14
CA GLY B 194 -27.65 6.15 -6.42
C GLY B 194 -29.19 6.41 -6.45
N ALA B 195 -29.81 6.16 -7.63
CA ALA B 195 -31.27 6.26 -7.78
C ALA B 195 -32.03 5.38 -6.77
N MET B 196 -31.65 4.12 -6.66
CA MET B 196 -32.31 3.26 -5.67
C MET B 196 -32.11 3.77 -4.22
N ALA B 197 -30.88 4.23 -3.88
CA ALA B 197 -30.66 4.66 -2.53
C ALA B 197 -31.60 5.79 -2.09
N LEU B 198 -31.59 6.79 -2.99
CA LEU B 198 -32.42 8.01 -2.84
C LEU B 198 -33.91 7.65 -2.76
N GLU B 199 -34.36 6.71 -3.58
CA GLU B 199 -35.77 6.33 -3.55
C GLU B 199 -36.10 5.68 -2.20
N LYS B 200 -35.31 4.69 -1.78
CA LYS B 200 -35.52 4.10 -0.45
C LYS B 200 -35.43 5.09 0.70
N ALA B 201 -34.65 6.15 0.53
CA ALA B 201 -34.46 7.13 1.58
C ALA B 201 -35.55 8.20 1.63
N GLY B 202 -36.37 8.31 0.57
CA GLY B 202 -37.39 9.39 0.50
C GLY B 202 -36.93 10.71 -0.09
N ILE B 203 -35.86 10.68 -0.87
CA ILE B 203 -35.20 11.92 -1.27
C ILE B 203 -35.29 11.99 -2.78
N SER B 204 -35.73 13.13 -3.29
CA SER B 204 -35.81 13.37 -4.70
C SER B 204 -34.37 13.79 -5.11
N PRO B 205 -33.86 13.30 -6.28
CA PRO B 205 -32.50 13.68 -6.78
C PRO B 205 -32.28 15.16 -6.82
N MET B 206 -31.05 15.63 -6.59
CA MET B 206 -30.74 17.02 -6.82
C MET B 206 -30.90 17.34 -8.29
N GLU B 207 -31.39 18.53 -8.57
CA GLU B 207 -31.32 19.07 -9.93
C GLU B 207 -30.32 20.18 -9.82
N LEU B 208 -29.25 20.09 -10.62
CA LEU B 208 -28.19 21.13 -10.62
C LEU B 208 -28.41 22.26 -11.60
N SER B 209 -28.31 23.50 -11.11
CA SER B 209 -28.21 24.63 -11.97
C SER B 209 -26.77 25.14 -11.97
N PHE B 210 -26.54 26.32 -12.52
CA PHE B 210 -25.18 26.87 -12.71
C PHE B 210 -24.39 26.91 -11.39
N LYS B 211 -23.09 26.60 -11.45
CA LYS B 211 -22.15 26.48 -10.27
C LYS B 211 -22.34 25.28 -9.37
N GLU B 212 -23.49 24.64 -9.35
CA GLU B 212 -23.75 23.73 -8.25
C GLU B 212 -23.01 22.36 -8.30
N GLY B 213 -22.83 21.78 -9.50
CA GLY B 213 -21.92 20.60 -9.57
C GLY B 213 -20.55 20.97 -9.10
N LEU B 214 -20.07 22.09 -9.62
CA LEU B 214 -18.75 22.58 -9.27
C LEU B 214 -18.62 22.80 -7.77
N ALA B 215 -19.60 23.48 -7.15
CA ALA B 215 -19.56 23.78 -5.70
C ALA B 215 -19.52 22.48 -4.88
N LEU B 216 -20.24 21.44 -5.33
CA LEU B 216 -20.23 20.20 -4.64
C LEU B 216 -18.83 19.48 -4.69
N ILE B 217 -18.01 19.78 -5.73
CA ILE B 217 -16.84 18.91 -5.98
C ILE B 217 -15.51 19.64 -5.90
N ASN B 218 -15.55 20.96 -5.91
CA ASN B 218 -14.35 21.77 -6.11
C ASN B 218 -13.68 22.12 -4.77
N GLY B 219 -13.31 21.13 -3.97
CA GLY B 219 -12.72 21.49 -2.63
C GLY B 219 -11.72 20.47 -2.13
N THR B 220 -11.35 20.68 -0.87
CA THR B 220 -10.39 19.78 -0.17
C THR B 220 -11.01 18.73 0.77
N SER B 221 -12.30 18.58 0.62
CA SER B 221 -13.14 17.74 1.53
C SER B 221 -12.79 16.28 1.73
N ALA B 222 -12.28 15.60 0.72
CA ALA B 222 -11.93 14.20 0.99
C ALA B 222 -10.61 14.08 1.73
N MET B 223 -9.61 14.84 1.27
CA MET B 223 -8.33 14.88 2.02
C MET B 223 -8.52 15.45 3.47
N VAL B 224 -9.43 16.39 3.67
CA VAL B 224 -9.71 16.90 5.03
C VAL B 224 -10.46 15.82 5.81
N GLY B 225 -11.41 15.19 5.13
CA GLY B 225 -12.21 14.14 5.82
C GLY B 225 -11.32 13.01 6.30
N LEU B 226 -10.53 12.42 5.39
CA LEU B 226 -9.60 11.40 5.82
C LEU B 226 -8.52 11.93 6.78
N GLY B 227 -7.92 13.11 6.44
CA GLY B 227 -6.93 13.65 7.30
C GLY B 227 -7.30 13.94 8.73
N VAL B 228 -8.49 14.52 8.94
CA VAL B 228 -8.97 14.67 10.32
C VAL B 228 -9.19 13.34 11.06
N LEU B 229 -9.72 12.28 10.38
CA LEU B 229 -9.84 11.03 11.00
C LEU B 229 -8.49 10.43 11.45
N LEU B 230 -7.49 10.55 10.56
CA LEU B 230 -6.14 10.09 10.87
C LEU B 230 -5.53 10.88 12.01
N TYR B 231 -5.71 12.19 11.99
CA TYR B 231 -5.22 12.97 13.07
C TYR B 231 -5.80 12.48 14.43
N ASP B 232 -7.12 12.37 14.47
CA ASP B 232 -7.81 11.96 15.68
C ASP B 232 -7.31 10.60 16.16
N GLU B 233 -7.09 9.68 15.23
CA GLU B 233 -6.70 8.33 15.63
C GLU B 233 -5.19 8.34 16.07
N VAL B 234 -4.30 9.13 15.42
CA VAL B 234 -2.97 9.10 15.85
C VAL B 234 -2.79 9.81 17.16
N LYS B 235 -3.56 10.88 17.38
CA LYS B 235 -3.39 11.59 18.66
C LYS B 235 -3.77 10.72 19.85
N ARG B 236 -4.91 9.98 19.71
CA ARG B 236 -5.29 9.03 20.71
C ARG B 236 -4.18 8.00 20.89
N LEU B 237 -3.73 7.47 19.77
CA LEU B 237 -2.67 6.44 19.80
C LEU B 237 -1.39 6.90 20.50
N PHE B 238 -0.97 8.14 20.19
CA PHE B 238 0.12 8.81 20.87
C PHE B 238 -0.03 8.81 22.40
N ASP B 239 -1.22 9.23 22.87
CA ASP B 239 -1.44 9.33 24.32
C ASP B 239 -1.37 7.93 24.95
N THR B 240 -2.01 6.97 24.34
CA THR B 240 -1.84 5.57 24.73
C THR B 240 -0.36 5.15 24.74
N TYR B 241 0.42 5.62 23.74
CA TYR B 241 1.80 5.16 23.66
C TYR B 241 2.64 5.67 24.83
N LEU B 242 2.20 6.79 25.44
CA LEU B 242 2.96 7.27 26.64
C LEU B 242 2.83 6.30 27.78
N THR B 243 1.64 5.65 27.88
CA THR B 243 1.48 4.62 28.89
C THR B 243 2.20 3.32 28.50
N VAL B 244 2.17 2.98 27.22
CA VAL B 244 2.91 1.77 26.82
C VAL B 244 4.38 2.00 27.15
N THR B 245 4.86 3.21 26.84
CA THR B 245 6.24 3.60 27.12
C THR B 245 6.55 3.42 28.60
N SER B 246 5.67 3.92 29.49
CA SER B 246 5.90 3.86 30.94
C SER B 246 6.01 2.40 31.38
N LEU B 247 5.14 1.58 30.80
CA LEU B 247 5.13 0.14 31.02
C LEU B 247 6.41 -0.57 30.56
N SER B 248 6.94 -0.20 29.38
CA SER B 248 8.26 -0.71 28.92
C SER B 248 9.47 -0.27 29.80
N ILE B 249 9.43 0.98 30.26
CA ILE B 249 10.42 1.47 31.25
C ILE B 249 10.44 0.62 32.53
N GLU B 250 9.26 0.26 32.98
CA GLU B 250 9.15 -0.64 34.15
C GLU B 250 9.69 -2.03 33.79
N GLY B 251 9.32 -2.51 32.60
CA GLY B 251 9.81 -3.83 32.15
C GLY B 251 11.34 -3.86 32.03
N LEU B 252 11.92 -2.76 31.57
CA LEU B 252 13.35 -2.67 31.36
C LEU B 252 14.16 -2.20 32.60
N HIS B 253 13.46 -1.91 33.71
CA HIS B 253 14.05 -1.35 34.89
C HIS B 253 14.80 -0.05 34.52
N GLY B 254 14.11 0.82 33.76
CA GLY B 254 14.64 2.10 33.40
C GLY B 254 14.54 3.11 34.53
N LYS B 255 15.48 4.08 34.56
CA LYS B 255 15.44 5.17 35.58
C LYS B 255 14.47 6.30 35.19
N THR B 256 13.80 6.90 36.19
CA THR B 256 12.74 7.89 35.92
C THR B 256 13.29 9.29 36.06
N LYS B 257 14.39 9.43 36.78
CA LYS B 257 14.89 10.79 37.01
C LYS B 257 15.12 11.61 35.71
N PRO B 258 15.59 10.95 34.60
CA PRO B 258 15.73 11.66 33.30
C PRO B 258 14.46 12.27 32.78
N PHE B 259 13.27 11.89 33.35
CA PHE B 259 11.95 12.37 32.94
C PHE B 259 11.47 13.55 33.81
N GLU B 260 12.25 13.91 34.84
CA GLU B 260 11.84 14.96 35.78
CA GLU B 260 11.76 14.91 35.78
C GLU B 260 11.62 16.28 35.04
N PRO B 261 10.46 16.91 35.21
CA PRO B 261 10.13 18.17 34.53
C PRO B 261 11.25 19.19 34.70
N ALA B 262 11.89 19.22 35.88
CA ALA B 262 12.88 20.26 36.11
C ALA B 262 14.02 20.26 35.09
N VAL B 263 14.44 19.08 34.64
CA VAL B 263 15.61 19.12 33.68
C VAL B 263 15.06 19.45 32.29
N HIS B 264 13.83 19.03 32.00
CA HIS B 264 13.19 19.44 30.67
C HIS B 264 12.92 20.93 30.49
N ARG B 265 12.83 21.65 31.62
CA ARG B 265 12.51 23.06 31.50
CA ARG B 265 12.53 23.06 31.68
C ARG B 265 13.82 23.72 31.17
N MET B 266 14.91 22.96 31.13
CA MET B 266 16.17 23.61 30.58
C MET B 266 16.19 23.59 29.08
N LYS B 267 15.22 23.03 28.39
CA LYS B 267 15.04 23.37 26.92
C LYS B 267 13.68 24.04 26.77
N PRO B 268 13.53 25.01 25.87
CA PRO B 268 12.15 25.57 25.78
C PRO B 268 11.14 24.75 24.95
N HIS B 269 11.44 23.50 24.60
CA HIS B 269 10.58 22.72 23.71
C HIS B 269 9.39 22.26 24.53
N GLN B 270 8.20 22.59 24.02
CA GLN B 270 7.00 22.33 24.81
C GLN B 270 6.53 20.88 24.70
N GLY B 271 6.63 20.26 23.51
CA GLY B 271 6.08 18.86 23.42
C GLY B 271 7.01 17.97 24.28
N GLN B 272 8.34 18.23 24.23
CA GLN B 272 9.30 17.43 25.08
C GLN B 272 8.89 17.47 26.61
N LEU B 273 8.59 18.68 27.10
CA LEU B 273 8.39 18.91 28.51
C LEU B 273 7.06 18.20 28.87
N GLU B 274 6.11 18.25 27.95
CA GLU B 274 4.78 17.59 28.16
C GLU B 274 4.90 16.10 28.19
N VAL B 275 5.63 15.52 27.23
CA VAL B 275 5.91 14.07 27.26
C VAL B 275 6.66 13.57 28.55
N ALA B 276 7.75 14.24 28.87
CA ALA B 276 8.46 13.94 30.12
C ALA B 276 7.52 14.01 31.32
N THR B 277 6.77 15.10 31.42
CA THR B 277 5.78 15.23 32.53
C THR B 277 4.81 14.08 32.65
N THR B 278 4.12 13.67 31.55
CA THR B 278 3.15 12.55 31.59
C THR B 278 3.83 11.24 32.03
N ILE B 279 5.02 10.98 31.52
CA ILE B 279 5.72 9.74 31.86
C ILE B 279 6.19 9.76 33.30
N TRP B 280 6.77 10.87 33.74
CA TRP B 280 7.13 11.07 35.12
C TRP B 280 5.94 10.91 36.10
N GLU B 281 4.77 11.52 35.80
CA GLU B 281 3.62 11.40 36.67
C GLU B 281 3.09 10.01 36.63
N THR B 282 3.19 9.36 35.47
CA THR B 282 2.57 8.00 35.34
C THR B 282 3.35 7.02 36.23
N LEU B 283 4.67 7.19 36.25
CA LEU B 283 5.54 6.27 36.99
C LEU B 283 5.82 6.69 38.43
N ALA B 284 5.13 7.76 38.90
CA ALA B 284 5.59 8.30 40.21
C ALA B 284 5.26 7.27 41.32
N ASP B 285 4.25 6.43 41.10
CA ASP B 285 3.99 5.38 42.13
C ASP B 285 4.42 4.00 41.67
N SER B 286 5.32 3.95 40.71
CA SER B 286 5.94 2.69 40.32
C SER B 286 7.03 2.26 41.29
N SER B 287 7.12 0.95 41.57
CA SER B 287 8.33 0.38 42.20
C SER B 287 9.22 -0.39 41.25
N LEU B 288 8.76 -0.62 40.04
CA LEU B 288 9.51 -1.33 38.99
C LEU B 288 10.45 -0.39 38.28
N ALA B 289 9.97 0.82 37.90
CA ALA B 289 10.90 1.84 37.42
C ALA B 289 11.92 2.12 38.49
N VAL B 290 13.11 2.51 38.07
CA VAL B 290 14.18 2.53 39.00
C VAL B 290 14.50 3.94 39.49
N ASN B 291 14.82 4.03 40.77
CA ASN B 291 15.33 5.24 41.38
C ASN B 291 16.82 5.40 41.15
N GLU B 292 17.18 6.44 40.39
CA GLU B 292 18.58 6.69 39.99
C GLU B 292 19.49 6.79 41.22
N HIS B 293 19.03 7.51 42.26
CA HIS B 293 19.81 7.57 43.51
C HIS B 293 20.27 6.23 44.10
N GLU B 294 19.39 5.24 44.02
CA GLU B 294 19.68 3.89 44.49
C GLU B 294 20.81 3.23 43.68
N VAL B 295 20.79 3.47 42.37
CA VAL B 295 21.89 3.00 41.51
C VAL B 295 23.13 3.78 41.74
N GLU B 296 23.00 5.08 42.00
CA GLU B 296 24.17 5.89 42.27
C GLU B 296 24.87 5.30 43.54
N LYS B 297 24.08 4.96 44.54
CA LYS B 297 24.62 4.44 45.81
C LYS B 297 25.34 3.11 45.59
N LEU B 298 24.83 2.29 44.68
CA LEU B 298 25.48 1.01 44.45
C LEU B 298 26.81 1.24 43.74
N ILE B 299 26.84 2.15 42.78
CA ILE B 299 28.04 2.36 42.04
C ILE B 299 29.07 3.12 42.91
N ALA B 300 28.61 4.06 43.76
CA ALA B 300 29.50 4.85 44.64
C ALA B 300 30.24 3.88 45.59
N GLU B 301 29.53 2.84 46.01
CA GLU B 301 30.17 1.84 46.86
C GLU B 301 31.35 1.07 46.18
N GLU B 302 31.31 0.92 44.85
CA GLU B 302 32.37 0.15 44.15
C GLU B 302 33.52 1.04 43.81
N MET B 303 33.33 2.34 43.87
CA MET B 303 34.37 3.25 43.43
C MET B 303 35.66 3.24 44.29
N ASP B 304 36.84 3.15 43.62
CA ASP B 304 38.23 3.27 44.19
C ASP B 304 39.16 4.05 43.26
N GLY B 305 40.46 3.74 43.26
CA GLY B 305 41.47 4.48 42.46
C GLY B 305 41.70 3.74 41.14
N LEU B 306 40.89 2.71 40.92
CA LEU B 306 40.99 1.88 39.67
C LEU B 306 39.87 2.15 38.62
N VAL B 307 40.25 2.08 37.34
CA VAL B 307 39.24 1.97 36.26
C VAL B 307 38.62 0.58 36.31
N LYS B 308 37.31 0.48 36.44
CA LYS B 308 36.68 -0.82 36.35
C LYS B 308 35.22 -0.86 35.85
N ALA B 309 34.86 -1.97 35.22
CA ALA B 309 33.51 -2.26 34.74
C ALA B 309 32.59 -2.49 35.94
N SER B 310 31.36 -1.95 35.91
CA SER B 310 30.34 -2.26 36.90
C SER B 310 29.20 -3.02 36.31
N ASN B 311 28.46 -3.73 37.14
CA ASN B 311 27.20 -4.29 36.68
C ASN B 311 26.01 -3.29 36.65
N HIS B 312 26.23 -2.08 37.16
CA HIS B 312 25.18 -1.07 37.18
C HIS B 312 25.65 0.09 36.31
N GLN B 313 24.72 0.88 35.80
CA GLN B 313 25.12 2.04 35.02
C GLN B 313 24.27 3.26 35.39
N ILE B 314 24.88 4.43 35.41
CA ILE B 314 24.24 5.63 35.92
C ILE B 314 23.18 6.18 34.91
N GLU B 315 23.25 5.78 33.63
CA GLU B 315 22.27 6.30 32.67
C GLU B 315 21.99 5.21 31.64
N ASP B 316 20.76 5.25 31.10
CA ASP B 316 20.22 4.18 30.23
C ASP B 316 20.34 4.56 28.75
N ALA B 317 20.14 3.55 27.90
CA ALA B 317 20.15 3.77 26.43
C ALA B 317 19.08 4.79 25.97
N TYR B 318 19.32 5.31 24.78
CA TYR B 318 18.49 6.41 24.18
C TYR B 318 17.00 6.04 24.14
N SER B 319 16.64 4.83 23.70
CA SER B 319 15.20 4.58 23.49
C SER B 319 14.46 4.69 24.80
N ILE B 320 15.19 4.65 25.91
CA ILE B 320 14.60 4.90 27.20
C ILE B 320 14.76 6.38 27.52
N ARG B 321 15.98 6.77 27.80
CA ARG B 321 16.31 8.11 28.34
C ARG B 321 16.01 9.37 27.43
N CYS B 322 16.04 9.15 26.13
CA CYS B 322 15.73 10.15 25.15
C CYS B 322 14.27 10.17 24.68
N THR B 323 13.37 9.40 25.35
CA THR B 323 11.99 9.39 24.95
C THR B 323 11.40 10.83 24.79
N PRO B 324 11.68 11.73 25.77
CA PRO B 324 11.01 13.05 25.66
C PRO B 324 11.49 13.82 24.46
N GLN B 325 12.76 13.63 24.10
CA GLN B 325 13.48 14.43 23.05
C GLN B 325 13.11 13.84 21.63
N ILE B 326 12.51 12.62 21.61
CA ILE B 326 12.18 11.94 20.39
C ILE B 326 10.67 12.06 20.19
N LEU B 327 9.89 11.81 21.25
CA LEU B 327 8.44 11.95 21.13
C LEU B 327 7.99 13.41 21.28
N GLY B 328 8.84 14.30 21.83
CA GLY B 328 8.49 15.76 21.93
C GLY B 328 8.14 16.33 20.55
N PRO B 329 9.07 16.16 19.56
CA PRO B 329 8.89 16.56 18.17
C PRO B 329 7.59 16.03 17.56
N VAL B 330 7.31 14.78 17.86
CA VAL B 330 6.05 14.14 17.45
C VAL B 330 4.80 14.91 18.01
N ALA B 331 4.78 15.15 19.33
CA ALA B 331 3.71 15.94 19.93
C ALA B 331 3.55 17.30 19.31
N ASP B 332 4.67 18.01 19.11
CA ASP B 332 4.63 19.36 18.57
C ASP B 332 4.22 19.40 17.08
N THR B 333 4.68 18.48 16.29
CA THR B 333 4.20 18.43 14.93
C THR B 333 2.68 18.10 14.85
N LEU B 334 2.25 17.23 15.68
CA LEU B 334 0.81 16.92 15.86
C LEU B 334 -0.02 18.18 16.16
N LYS B 335 0.47 19.04 17.05
CA LYS B 335 -0.14 20.38 17.25
C LYS B 335 -0.27 21.23 15.99
N ASN B 336 0.80 21.30 15.19
CA ASN B 336 0.81 22.09 13.97
C ASN B 336 -0.12 21.44 12.94
N ILE B 337 -0.05 20.11 12.80
CA ILE B 337 -1.03 19.37 11.93
C ILE B 337 -2.49 19.69 12.32
N LYS B 338 -2.80 19.57 13.60
CA LYS B 338 -4.14 19.90 14.13
C LYS B 338 -4.56 21.29 13.69
N GLN B 339 -3.68 22.30 13.84
CA GLN B 339 -4.05 23.66 13.48
C GLN B 339 -4.30 23.77 11.96
N THR B 340 -3.39 23.22 11.15
CA THR B 340 -3.58 23.20 9.71
C THR B 340 -4.90 22.51 9.28
N LEU B 341 -5.16 21.32 9.78
CA LEU B 341 -6.40 20.64 9.44
C LEU B 341 -7.69 21.39 9.95
N THR B 342 -7.62 21.95 11.16
CA THR B 342 -8.68 22.75 11.67
C THR B 342 -8.96 23.96 10.75
N ASN B 343 -7.88 24.67 10.34
CA ASN B 343 -8.09 25.76 9.50
C ASN B 343 -8.59 25.41 8.13
N GLU B 344 -8.19 24.27 7.56
CA GLU B 344 -8.70 23.88 6.26
C GLU B 344 -10.19 23.45 6.39
N LEU B 345 -10.43 22.74 7.44
CA LEU B 345 -11.86 22.34 7.69
C LEU B 345 -12.78 23.59 7.67
N ASN B 346 -12.40 24.57 8.48
CA ASN B 346 -13.12 25.86 8.65
C ASN B 346 -12.70 26.88 7.59
N SER B 347 -12.84 26.50 6.30
CA SER B 347 -12.46 27.37 5.23
C SER B 347 -13.52 27.19 4.10
N SER B 348 -13.57 28.20 3.26
CA SER B 348 -14.38 28.16 2.02
C SER B 348 -13.45 27.64 0.97
N ASN B 349 -13.43 26.33 0.77
CA ASN B 349 -12.45 25.72 -0.15
C ASN B 349 -13.30 25.41 -1.40
N ASP B 350 -13.37 26.39 -2.28
CA ASP B 350 -14.26 26.27 -3.46
C ASP B 350 -13.86 27.38 -4.34
N ASN B 351 -14.30 27.30 -5.60
CA ASN B 351 -13.98 28.36 -6.53
C ASN B 351 -15.00 28.40 -7.67
N PRO B 352 -15.42 29.59 -8.08
CA PRO B 352 -15.20 30.95 -7.51
C PRO B 352 -15.97 31.16 -6.22
N LEU B 353 -15.66 32.26 -5.55
CA LEU B 353 -16.27 32.51 -4.28
C LEU B 353 -16.93 33.89 -4.29
N ILE B 354 -18.00 34.01 -3.47
CA ILE B 354 -18.76 35.23 -3.35
C ILE B 354 -18.56 35.83 -1.92
N ASP B 355 -18.18 37.10 -1.87
CA ASP B 355 -18.07 37.89 -0.59
C ASP B 355 -19.44 38.58 -0.41
N GLN B 356 -20.18 38.19 0.60
CA GLN B 356 -21.52 38.79 0.82
C GLN B 356 -21.48 40.26 1.15
N THR B 357 -20.46 40.66 1.88
CA THR B 357 -20.36 42.07 2.25
C THR B 357 -20.28 43.02 1.04
N THR B 358 -19.39 42.73 0.09
CA THR B 358 -19.14 43.67 -0.97
C THR B 358 -19.90 43.17 -2.21
N GLU B 359 -20.57 42.01 -2.13
CA GLU B 359 -21.21 41.37 -3.30
C GLU B 359 -20.23 41.22 -4.48
N GLU B 360 -19.01 40.78 -4.18
CA GLU B 360 -17.97 40.62 -5.22
C GLU B 360 -17.68 39.11 -5.44
N VAL B 361 -17.33 38.71 -6.67
CA VAL B 361 -17.05 37.31 -6.99
C VAL B 361 -15.55 37.27 -7.24
N PHE B 362 -14.86 36.22 -6.74
CA PHE B 362 -13.39 36.06 -6.90
C PHE B 362 -13.09 34.69 -7.50
N HIS B 363 -12.35 34.69 -8.60
CA HIS B 363 -11.71 33.44 -9.06
C HIS B 363 -10.47 33.29 -8.19
N ASN B 364 -10.22 32.07 -7.70
CA ASN B 364 -9.21 31.89 -6.70
C ASN B 364 -8.68 30.47 -6.77
N GLY B 365 -7.71 30.21 -5.92
CA GLY B 365 -7.13 28.84 -5.93
C GLY B 365 -7.41 28.13 -4.60
N HIS B 366 -8.58 28.41 -3.94
CA HIS B 366 -8.91 27.80 -2.61
C HIS B 366 -9.15 26.27 -2.51
N PHE B 367 -9.29 25.61 -3.64
CA PHE B 367 -9.45 24.13 -3.61
C PHE B 367 -8.00 23.50 -3.51
N HIS B 368 -6.90 24.27 -3.53
CA HIS B 368 -5.61 23.63 -3.65
C HIS B 368 -5.19 22.98 -2.30
N GLY B 369 -4.85 21.71 -2.34
CA GLY B 369 -4.66 20.95 -1.11
C GLY B 369 -3.25 21.00 -0.57
N GLN B 370 -2.39 21.95 -1.00
CA GLN B 370 -1.03 21.91 -0.55
C GLN B 370 -0.87 21.96 1.00
N TYR B 371 -1.61 22.81 1.71
CA TYR B 371 -1.51 22.74 3.22
C TYR B 371 -1.78 21.32 3.79
N VAL B 372 -2.85 20.69 3.37
CA VAL B 372 -3.17 19.36 3.85
C VAL B 372 -2.13 18.34 3.38
N SER B 373 -1.76 18.36 2.10
CA SER B 373 -0.69 17.45 1.61
C SER B 373 0.63 17.52 2.47
N MET B 374 1.13 18.75 2.66
CA MET B 374 2.29 18.93 3.46
C MET B 374 2.11 18.39 4.88
N ALA B 375 0.98 18.73 5.51
CA ALA B 375 0.67 18.22 6.82
C ALA B 375 0.66 16.70 6.87
N MET B 376 0.13 16.05 5.83
CA MET B 376 0.13 14.56 5.81
C MET B 376 1.50 14.01 5.70
N ASP B 377 2.35 14.65 4.89
CA ASP B 377 3.73 14.19 4.85
C ASP B 377 4.46 14.34 6.20
N HIS B 378 4.15 15.41 6.92
CA HIS B 378 4.72 15.61 8.25
C HIS B 378 4.14 14.52 9.21
N LEU B 379 2.88 14.18 9.02
CA LEU B 379 2.27 13.16 9.85
C LEU B 379 2.98 11.84 9.55
N ASN B 380 3.23 11.58 8.25
CA ASN B 380 3.96 10.37 7.85
C ASN B 380 5.34 10.23 8.56
N ILE B 381 6.17 11.28 8.49
CA ILE B 381 7.42 11.28 9.19
C ILE B 381 7.24 11.02 10.73
N ALA B 382 6.29 11.71 11.35
CA ALA B 382 5.93 11.46 12.79
C ALA B 382 5.57 9.98 13.05
N LEU B 383 4.83 9.31 12.21
CA LEU B 383 4.51 7.92 12.42
C LEU B 383 5.74 6.99 12.33
N VAL B 384 6.65 7.26 11.34
CA VAL B 384 7.81 6.37 11.18
C VAL B 384 8.78 6.59 12.38
N THR B 385 8.83 7.83 12.91
CA THR B 385 9.68 8.16 14.02
C THR B 385 9.25 7.36 15.23
N MET B 386 7.92 7.35 15.48
CA MET B 386 7.37 6.55 16.53
C MET B 386 7.62 5.05 16.31
N MET B 387 7.56 4.65 15.07
CA MET B 387 7.75 3.21 14.76
C MET B 387 9.17 2.75 14.99
N ASN B 388 10.13 3.65 14.65
CA ASN B 388 11.46 3.35 14.97
C ASN B 388 11.75 3.27 16.46
N LEU B 389 11.18 4.18 17.23
CA LEU B 389 11.35 4.09 18.68
C LEU B 389 10.85 2.76 19.21
N ALA B 390 9.63 2.41 18.81
CA ALA B 390 9.10 1.16 19.29
C ALA B 390 9.93 -0.07 18.85
N ASN B 391 10.29 -0.08 17.56
CA ASN B 391 11.11 -1.20 17.06
C ASN B 391 12.45 -1.32 17.86
N ARG B 392 13.01 -0.16 18.25
CA ARG B 392 14.23 -0.15 19.09
C ARG B 392 13.96 -0.64 20.53
N ARG B 393 12.81 -0.23 21.12
CA ARG B 393 12.32 -0.77 22.39
C ARG B 393 12.28 -2.30 22.34
N ILE B 394 11.80 -2.82 21.23
CA ILE B 394 11.64 -4.27 21.05
C ILE B 394 13.05 -4.90 21.01
N ASP B 395 14.09 -4.27 20.40
CA ASP B 395 15.35 -4.95 20.47
C ASP B 395 15.95 -4.92 21.91
N ARG B 396 15.57 -3.95 22.76
CA ARG B 396 16.05 -3.97 24.16
C ARG B 396 15.41 -5.12 24.93
N PHE B 397 14.16 -5.42 24.63
CA PHE B 397 13.51 -6.58 25.22
C PHE B 397 14.10 -7.90 24.77
N MET B 398 14.40 -8.04 23.49
CA MET B 398 14.81 -9.33 22.94
C MET B 398 16.26 -9.71 23.28
N ASP B 399 17.14 -8.72 23.25
CA ASP B 399 18.53 -9.04 23.30
C ASP B 399 18.96 -8.96 24.78
N LYS B 400 19.48 -10.05 25.30
CA LYS B 400 19.77 -10.09 26.75
C LYS B 400 20.88 -9.12 27.18
N SER B 401 21.77 -8.76 26.25
CA SER B 401 22.73 -7.81 26.61
C SER B 401 22.13 -6.40 26.79
N ASN B 402 20.90 -6.18 26.28
CA ASN B 402 20.23 -4.89 26.33
C ASN B 402 19.11 -4.78 27.36
N SER B 403 18.59 -5.94 27.82
CA SER B 403 17.34 -5.92 28.50
C SER B 403 17.55 -5.74 30.03
N ASN B 404 18.75 -5.45 30.46
CA ASN B 404 18.93 -5.11 31.89
C ASN B 404 18.31 -6.23 32.81
N GLY B 405 18.67 -7.47 32.50
CA GLY B 405 18.51 -8.57 33.40
C GLY B 405 17.35 -9.46 33.06
N LEU B 406 16.67 -9.20 31.94
CA LEU B 406 15.58 -10.15 31.54
C LEU B 406 16.21 -11.36 30.80
N PRO B 407 15.52 -12.49 30.81
CA PRO B 407 16.00 -13.68 30.06
C PRO B 407 15.93 -13.42 28.53
N PRO B 408 16.85 -14.04 27.77
CA PRO B 408 16.90 -13.85 26.30
C PRO B 408 15.62 -14.06 25.62
N PHE B 409 15.23 -13.12 24.74
CA PHE B 409 13.96 -13.24 24.01
C PHE B 409 12.72 -13.40 24.94
N LEU B 410 12.80 -12.93 26.20
CA LEU B 410 11.72 -13.07 27.22
C LEU B 410 11.28 -14.49 27.30
N CYS B 411 12.20 -15.44 27.13
CA CYS B 411 12.00 -16.87 27.30
C CYS B 411 12.54 -17.21 28.71
N ALA B 412 11.63 -17.11 29.71
CA ALA B 412 12.03 -17.34 31.08
C ALA B 412 12.16 -18.83 31.43
N GLU B 413 11.49 -19.72 30.69
CA GLU B 413 11.54 -21.17 30.92
C GLU B 413 11.95 -21.89 29.65
N ASN B 414 12.76 -22.92 29.82
CA ASN B 414 13.10 -23.81 28.71
C ASN B 414 13.71 -23.11 27.50
N ALA B 415 14.51 -22.09 27.77
CA ALA B 415 15.35 -21.42 26.71
C ALA B 415 16.08 -22.43 25.82
N GLY B 416 15.96 -22.21 24.49
CA GLY B 416 16.55 -23.15 23.47
C GLY B 416 15.68 -24.32 23.07
N LEU B 417 15.13 -25.06 24.05
CA LEU B 417 14.07 -25.94 23.69
C LEU B 417 12.91 -25.12 23.08
N ARG B 418 12.66 -23.91 23.61
CA ARG B 418 11.65 -22.94 23.12
C ARG B 418 12.43 -21.75 22.55
N LEU B 419 11.80 -20.93 21.69
CA LEU B 419 12.46 -19.62 21.22
C LEU B 419 11.83 -18.37 21.85
N GLY B 420 10.77 -18.56 22.65
CA GLY B 420 10.23 -17.45 23.45
C GLY B 420 9.54 -16.53 22.47
N LEU B 421 9.78 -15.20 22.64
CA LEU B 421 9.11 -14.14 21.80
C LEU B 421 10.03 -13.67 20.65
N MET B 422 11.09 -14.42 20.42
CA MET B 422 12.18 -14.01 19.46
C MET B 422 11.53 -13.65 18.11
N GLY B 423 10.54 -14.43 17.67
CA GLY B 423 9.98 -14.24 16.30
C GLY B 423 9.21 -12.92 16.11
N GLY B 424 8.71 -12.31 17.21
CA GLY B 424 7.79 -11.12 17.10
C GLY B 424 8.67 -10.05 16.48
N GLN B 425 9.97 -10.13 16.75
CA GLN B 425 10.86 -9.03 16.18
C GLN B 425 11.05 -9.18 14.66
N PHE B 426 10.83 -10.41 14.16
CA PHE B 426 10.92 -10.63 12.70
C PHE B 426 9.76 -9.87 12.00
N MET B 427 8.60 -9.76 12.69
CA MET B 427 7.47 -8.98 12.20
C MET B 427 7.74 -7.46 12.29
N THR B 428 8.27 -6.97 13.43
CA THR B 428 8.28 -5.54 13.64
C THR B 428 9.45 -4.87 12.89
N ALA B 429 10.57 -5.57 12.74
CA ALA B 429 11.68 -4.90 11.98
C ALA B 429 11.28 -4.84 10.50
N SER B 430 10.56 -5.87 9.99
CA SER B 430 10.15 -5.93 8.60
C SER B 430 9.09 -4.82 8.35
N ILE B 431 8.09 -4.66 9.28
CA ILE B 431 7.07 -3.63 9.07
C ILE B 431 7.73 -2.25 9.15
N THR B 432 8.70 -2.08 10.05
CA THR B 432 9.39 -0.79 10.28
C THR B 432 10.25 -0.44 9.04
N ALA B 433 10.98 -1.43 8.50
CA ALA B 433 11.77 -1.27 7.30
C ALA B 433 10.85 -0.83 6.16
N GLU B 434 9.75 -1.54 5.98
CA GLU B 434 8.76 -1.28 4.94
C GLU B 434 8.21 0.13 5.08
N SER B 435 7.95 0.55 6.31
CA SER B 435 7.40 1.88 6.55
C SER B 435 8.47 2.96 6.31
N ARG B 436 9.70 2.71 6.66
CA ARG B 436 10.82 3.65 6.30
C ARG B 436 10.96 3.83 4.76
N ALA B 437 10.84 2.77 4.00
CA ALA B 437 10.87 2.82 2.54
C ALA B 437 9.65 3.58 1.97
N SER B 438 8.53 3.62 2.72
CA SER B 438 7.26 4.20 2.28
C SER B 438 7.10 5.67 2.66
N CYS B 439 8.17 6.27 3.17
CA CYS B 439 8.01 7.59 3.77
C CYS B 439 8.43 8.72 2.81
N MET B 440 8.39 8.52 1.50
CA MET B 440 8.75 9.58 0.60
C MET B 440 7.50 10.55 0.54
N PRO B 441 7.72 11.85 0.72
CA PRO B 441 6.67 12.85 0.71
C PRO B 441 5.92 12.90 -0.62
N MET B 442 4.58 12.90 -0.54
CA MET B 442 3.74 13.01 -1.74
C MET B 442 3.53 14.44 -2.23
N SER B 443 3.68 15.40 -1.31
CA SER B 443 3.35 16.82 -1.58
C SER B 443 4.38 17.46 -2.48
N ILE B 444 5.39 16.68 -2.83
CA ILE B 444 6.42 17.17 -3.78
C ILE B 444 6.37 16.41 -5.14
N GLN B 445 5.41 15.52 -5.36
CA GLN B 445 5.48 14.62 -6.51
C GLN B 445 4.65 15.15 -7.69
N SER B 446 4.10 16.35 -7.56
CA SER B 446 3.33 17.07 -8.56
C SER B 446 3.73 16.73 -10.04
N LEU B 447 2.71 16.41 -10.80
CA LEU B 447 2.82 16.15 -12.25
C LEU B 447 1.72 17.00 -12.90
N SER B 448 2.09 17.69 -13.96
CA SER B 448 1.12 18.52 -14.68
C SER B 448 0.17 17.75 -15.61
N THR B 449 -1.09 18.21 -15.62
CA THR B 449 -2.10 17.68 -16.49
C THR B 449 -3.00 18.79 -17.05
N THR B 450 -4.05 18.35 -17.81
CA THR B 450 -5.19 19.25 -18.25
C THR B 450 -4.66 20.37 -19.13
N GLY B 451 -3.84 20.00 -20.12
CA GLY B 451 -3.22 21.00 -20.97
C GLY B 451 -2.49 22.08 -20.20
N ASP B 452 -1.94 21.63 -19.09
CA ASP B 452 -1.10 22.44 -18.15
C ASP B 452 -1.88 23.54 -17.43
N PHE B 453 -3.19 23.37 -17.48
CA PHE B 453 -4.05 24.23 -16.64
C PHE B 453 -3.85 23.83 -15.14
N GLN B 454 -3.96 22.52 -14.85
CA GLN B 454 -3.62 22.01 -13.53
C GLN B 454 -2.12 21.75 -13.40
N ASP B 455 -1.27 22.79 -13.46
CA ASP B 455 0.09 22.49 -13.71
C ASP B 455 0.95 22.25 -12.45
N ILE B 456 0.45 22.49 -11.31
CA ILE B 456 1.13 22.23 -10.08
C ILE B 456 0.06 21.84 -9.05
N VAL B 457 0.24 20.54 -8.54
CA VAL B 457 -0.89 19.94 -7.80
C VAL B 457 -0.31 19.33 -6.46
N SER B 458 -1.20 19.08 -5.51
CA SER B 458 -0.78 18.71 -4.15
C SER B 458 -0.73 17.22 -3.90
N PHE B 459 -1.56 16.45 -4.63
CA PHE B 459 -1.74 15.00 -4.31
C PHE B 459 -2.10 14.71 -2.78
N GLY B 460 -2.89 15.61 -2.13
CA GLY B 460 -3.05 15.50 -0.68
C GLY B 460 -3.87 14.29 -0.30
N LEU B 461 -4.72 13.77 -1.18
CA LEU B 461 -5.50 12.55 -0.77
C LEU B 461 -4.61 11.34 -0.80
N VAL B 462 -3.75 11.25 -1.81
CA VAL B 462 -2.77 10.18 -1.83
C VAL B 462 -1.89 10.33 -0.56
N ALA B 463 -1.46 11.57 -0.21
CA ALA B 463 -0.58 11.80 1.00
C ALA B 463 -1.30 11.23 2.24
N ALA B 464 -2.61 11.50 2.35
CA ALA B 464 -3.44 11.02 3.44
C ALA B 464 -3.59 9.48 3.40
N ARG B 465 -3.75 8.91 2.20
CA ARG B 465 -3.97 7.43 2.13
C ARG B 465 -2.64 6.75 2.53
N ARG B 466 -1.51 7.37 2.19
CA ARG B 466 -0.29 6.74 2.59
C ARG B 466 -0.06 6.80 4.10
N VAL B 467 -0.45 7.93 4.71
CA VAL B 467 -0.41 7.99 6.18
C VAL B 467 -1.29 6.84 6.77
N ARG B 468 -2.43 6.60 6.18
CA ARG B 468 -3.38 5.56 6.75
C ARG B 468 -2.70 4.19 6.79
N GLU B 469 -2.01 3.86 5.70
CA GLU B 469 -1.22 2.63 5.68
C GLU B 469 -0.13 2.57 6.77
N GLN B 470 0.69 3.64 6.90
CA GLN B 470 1.66 3.74 7.90
C GLN B 470 1.13 3.61 9.28
N LEU B 471 -0.11 4.14 9.53
CA LEU B 471 -0.76 4.07 10.85
C LEU B 471 -1.14 2.59 11.17
N LYS B 472 -1.57 1.80 10.17
CA LYS B 472 -1.81 0.32 10.45
C LYS B 472 -0.47 -0.33 10.81
N ASN B 473 0.65 0.05 10.12
CA ASN B 473 1.86 -0.59 10.43
C ASN B 473 2.34 -0.22 11.84
N LEU B 474 2.13 1.07 12.21
CA LEU B 474 2.56 1.54 13.54
C LEU B 474 1.83 0.76 14.62
N LYS B 475 0.53 0.54 14.40
CA LYS B 475 -0.22 -0.29 15.41
C LYS B 475 0.28 -1.74 15.62
N TYR B 476 0.68 -2.38 14.53
CA TYR B 476 1.37 -3.64 14.67
C TYR B 476 2.62 -3.64 15.49
N VAL B 477 3.59 -2.71 15.17
CA VAL B 477 4.79 -2.54 15.95
C VAL B 477 4.59 -2.15 17.43
N PHE B 478 3.73 -1.17 17.66
CA PHE B 478 3.29 -0.84 19.06
C PHE B 478 2.64 -2.07 19.78
N SER B 479 1.85 -2.84 19.06
CA SER B 479 1.22 -4.07 19.66
C SER B 479 2.27 -5.02 20.20
N PHE B 480 3.31 -5.27 19.39
CA PHE B 480 4.36 -6.11 19.88
C PHE B 480 5.21 -5.48 21.04
N GLU B 481 5.53 -4.18 20.98
CA GLU B 481 6.15 -3.57 22.16
C GLU B 481 5.26 -3.82 23.43
N LEU B 482 3.97 -3.50 23.31
CA LEU B 482 3.03 -3.70 24.46
C LEU B 482 3.08 -5.18 24.97
N LEU B 483 3.05 -6.12 24.01
CA LEU B 483 3.08 -7.52 24.37
C LEU B 483 4.38 -7.90 25.15
N CYS B 484 5.53 -7.45 24.61
CA CYS B 484 6.82 -7.62 25.26
C CYS B 484 6.88 -7.00 26.65
N ALA B 485 6.39 -5.78 26.76
CA ALA B 485 6.39 -5.05 28.05
C ALA B 485 5.56 -5.86 29.09
N CYS B 486 4.40 -6.34 28.72
CA CYS B 486 3.64 -7.12 29.70
C CYS B 486 4.39 -8.43 30.10
N GLN B 487 4.91 -9.13 29.10
CA GLN B 487 5.69 -10.35 29.35
C GLN B 487 6.87 -10.00 30.30
N ALA B 488 7.55 -8.88 30.03
CA ALA B 488 8.61 -8.46 30.88
C ALA B 488 8.23 -8.16 32.35
N VAL B 489 7.13 -7.40 32.56
CA VAL B 489 6.78 -7.13 33.94
C VAL B 489 6.28 -8.42 34.66
N ASP B 490 5.71 -9.39 33.92
CA ASP B 490 5.40 -10.66 34.52
C ASP B 490 6.70 -11.33 35.03
N ILE B 491 7.75 -11.26 34.24
CA ILE B 491 8.98 -11.86 34.65
C ILE B 491 9.59 -11.14 35.85
N ARG B 492 9.62 -9.79 35.80
CA ARG B 492 10.07 -8.99 36.94
C ARG B 492 9.27 -9.27 38.25
N GLY B 493 7.96 -9.45 38.10
CA GLY B 493 7.07 -9.43 39.19
C GLY B 493 6.24 -8.16 39.08
N THR B 494 4.92 -8.30 39.12
CA THR B 494 4.02 -7.14 38.92
C THR B 494 3.56 -6.35 40.15
N ALA B 495 3.90 -6.82 41.37
CA ALA B 495 3.55 -6.04 42.59
C ALA B 495 3.86 -4.57 42.44
N GLY B 496 4.98 -4.25 41.82
CA GLY B 496 5.39 -2.84 41.77
C GLY B 496 4.82 -1.96 40.64
N LEU B 497 3.88 -2.46 39.84
CA LEU B 497 3.32 -1.67 38.71
C LEU B 497 2.70 -0.36 39.22
N SER B 498 3.03 0.79 38.57
CA SER B 498 2.23 1.97 38.74
C SER B 498 0.72 1.67 38.50
N LYS B 499 -0.14 2.44 39.16
CA LYS B 499 -1.59 2.32 38.93
C LYS B 499 -2.04 2.42 37.46
N ARG B 500 -1.56 3.45 36.78
CA ARG B 500 -1.95 3.71 35.33
C ARG B 500 -1.40 2.58 34.40
N THR B 501 -0.18 2.13 34.69
CA THR B 501 0.41 1.11 33.78
C THR B 501 -0.18 -0.24 34.13
N ARG B 502 -0.51 -0.51 35.40
CA ARG B 502 -1.31 -1.72 35.74
C ARG B 502 -2.64 -1.81 34.99
N ALA B 503 -3.39 -0.74 34.87
CA ALA B 503 -4.63 -0.71 34.10
C ALA B 503 -4.39 -1.18 32.65
N LEU B 504 -3.34 -0.66 32.00
CA LEU B 504 -3.02 -1.14 30.64
C LEU B 504 -2.55 -2.59 30.60
N TYR B 505 -1.72 -3.01 31.56
CA TYR B 505 -1.26 -4.38 31.68
C TYR B 505 -2.49 -5.26 31.80
N ASP B 506 -3.39 -4.90 32.72
CA ASP B 506 -4.59 -5.81 32.93
C ASP B 506 -5.41 -5.90 31.69
N LYS B 507 -5.64 -4.76 31.04
CA LYS B 507 -6.38 -4.73 29.78
C LYS B 507 -5.67 -5.66 28.81
N THR B 508 -4.36 -5.51 28.62
CA THR B 508 -3.71 -6.38 27.62
C THR B 508 -3.80 -7.85 28.01
N ARG B 509 -3.66 -8.11 29.30
CA ARG B 509 -3.85 -9.45 29.82
C ARG B 509 -5.25 -10.11 29.57
N THR B 510 -6.31 -9.33 29.35
CA THR B 510 -7.61 -9.98 29.02
C THR B 510 -7.56 -10.59 27.63
N LEU B 511 -6.64 -10.09 26.76
CA LEU B 511 -6.50 -10.48 25.35
C LEU B 511 -5.37 -11.46 25.10
N VAL B 512 -4.28 -11.27 25.84
CA VAL B 512 -3.07 -12.12 25.66
C VAL B 512 -2.56 -12.55 27.02
N PRO B 513 -2.30 -13.85 27.17
CA PRO B 513 -1.72 -14.36 28.39
C PRO B 513 -0.20 -14.17 28.43
N TYR B 514 0.37 -14.21 29.63
CA TYR B 514 1.77 -14.55 29.77
C TYR B 514 2.01 -15.87 29.01
N LEU B 515 3.06 -15.88 28.21
CA LEU B 515 3.37 -17.00 27.34
C LEU B 515 4.51 -17.83 27.90
N GLU B 516 4.18 -19.00 28.43
CA GLU B 516 5.25 -19.86 28.88
C GLU B 516 5.49 -21.01 27.91
N GLU B 517 4.80 -20.95 26.78
CA GLU B 517 4.90 -21.95 25.71
C GLU B 517 5.07 -21.18 24.43
N ASP B 518 5.74 -21.74 23.45
CA ASP B 518 5.77 -21.16 22.13
C ASP B 518 4.42 -21.25 21.43
N LYS B 519 3.97 -20.11 20.97
CA LYS B 519 2.67 -20.05 20.27
C LYS B 519 2.72 -18.97 19.20
N THR B 520 2.08 -19.21 18.05
CA THR B 520 1.92 -18.16 17.04
C THR B 520 1.22 -16.95 17.62
N ILE B 521 1.79 -15.76 17.42
CA ILE B 521 1.17 -14.61 18.00
C ILE B 521 0.38 -13.74 17.01
N SER B 522 0.26 -14.19 15.75
CA SER B 522 -0.44 -13.44 14.75
C SER B 522 -1.79 -12.89 15.24
N ASP B 523 -2.67 -13.77 15.77
CA ASP B 523 -3.96 -13.27 16.18
C ASP B 523 -3.90 -12.49 17.49
N TYR B 524 -2.93 -12.77 18.39
CA TYR B 524 -2.86 -11.92 19.61
C TYR B 524 -2.53 -10.48 19.24
N ILE B 525 -1.56 -10.38 18.33
CA ILE B 525 -1.14 -9.05 17.86
C ILE B 525 -2.34 -8.32 17.19
N GLU B 526 -3.13 -9.02 16.37
CA GLU B 526 -4.22 -8.40 15.66
C GLU B 526 -5.22 -7.90 16.73
N SER B 527 -5.50 -8.74 17.72
CA SER B 527 -6.49 -8.35 18.75
C SER B 527 -6.06 -7.12 19.58
N ILE B 528 -4.77 -6.98 19.89
CA ILE B 528 -4.30 -5.75 20.57
C ILE B 528 -4.39 -4.52 19.65
N ALA B 529 -3.93 -4.64 18.38
CA ALA B 529 -3.98 -3.53 17.45
C ALA B 529 -5.45 -3.04 17.28
N GLN B 530 -6.38 -3.97 17.28
CA GLN B 530 -7.76 -3.66 16.98
C GLN B 530 -8.58 -3.14 18.14
N THR B 531 -8.04 -3.20 19.35
CA THR B 531 -8.81 -2.84 20.54
C THR B 531 -8.04 -1.77 21.29
N VAL B 532 -7.04 -2.19 22.07
CA VAL B 532 -6.24 -1.29 22.92
C VAL B 532 -5.73 -0.12 22.10
N LEU B 533 -5.35 -0.35 20.84
CA LEU B 533 -4.68 0.70 20.08
C LEU B 533 -5.65 1.32 19.05
N THR B 534 -6.96 1.02 19.15
CA THR B 534 -7.93 1.59 18.14
C THR B 534 -9.12 2.34 18.73
N LYS B 535 -9.50 3.46 18.09
CA LYS B 535 -10.74 4.12 18.42
C LYS B 535 -11.65 4.01 17.19
N ASN B 536 -11.16 4.45 16.05
CA ASN B 536 -11.97 4.40 14.82
C ASN B 536 -11.71 3.06 14.12
N SER B 537 -12.60 2.10 14.35
CA SER B 537 -12.52 0.75 13.78
C SER B 537 -12.52 0.76 12.27
N ASP B 538 -13.06 1.80 11.66
CA ASP B 538 -13.42 1.81 10.25
C ASP B 538 -12.23 2.05 9.36
N ILE B 539 -11.26 2.77 9.91
CA ILE B 539 -10.04 3.11 9.18
C ILE B 539 -9.03 1.96 9.24
N SFE C . 16.45 -19.30 9.30
O SFE C . 19.23 -21.27 9.25
OXT SFE C . 20.83 -20.02 10.05
CZ SFE C . 15.00 -18.57 13.84
CE2 SFE C . 14.82 -19.88 13.39
CE1 SFE C . 15.90 -17.72 13.17
CD2 SFE C . 15.50 -20.35 12.26
CD1 SFE C . 16.59 -18.17 12.05
CA SFE C . 18.59 -19.49 10.70
C SFE C . 19.62 -20.30 9.95
CG SFE C . 16.38 -19.49 11.61
CB SFE C . 17.13 -19.93 10.44
N PHE D . 17.88 -18.53 8.90
CA PHE D . 18.40 -19.36 9.99
C PHE D . 19.57 -20.20 9.58
O PHE D . 20.70 -19.93 10.03
CB PHE D . 17.33 -20.35 10.46
CG PHE D . 16.52 -19.69 11.54
CD1 PHE D . 16.84 -18.38 11.93
CD2 PHE D . 15.49 -20.40 12.14
CE1 PHE D . 16.08 -17.77 12.93
CE2 PHE D . 14.75 -19.79 13.16
CZ PHE D . 15.05 -18.48 13.55
OXT PHE D . 19.32 -21.16 8.81
C1 GOL E . 21.49 -6.21 -23.87
O1 GOL E . 21.39 -6.37 -25.25
C2 GOL E . 21.35 -4.76 -23.42
O2 GOL E . 22.48 -4.03 -23.86
C3 GOL E . 21.18 -4.61 -21.87
O3 GOL E . 22.18 -5.30 -21.17
C1 EDO F . 2.76 16.94 -32.42
O1 EDO F . 3.14 17.65 -31.22
C2 EDO F . 1.76 17.88 -33.09
O2 EDO F . 0.56 17.96 -32.25
C1 EDO G . -1.40 -20.19 -20.69
O1 EDO G . -2.71 -19.67 -20.97
C2 EDO G . -0.50 -19.60 -21.76
O2 EDO G . -1.31 -18.76 -22.57
C1 EDO H . -2.94 -4.30 5.82
O1 EDO H . -2.22 -4.20 7.05
C2 EDO H . -3.19 -5.74 5.73
O2 EDO H . -1.92 -6.30 5.48
C1 EDO I . -13.75 4.56 -41.61
O1 EDO I . -12.38 4.79 -41.22
C2 EDO I . -14.51 3.83 -40.51
O2 EDO I . -14.59 4.67 -39.34
P PO4 J . -13.77 -0.32 -40.53
O1 PO4 J . -12.96 -0.10 -39.29
O2 PO4 J . -15.01 -1.02 -40.03
O3 PO4 J . -14.17 1.02 -41.15
O4 PO4 J . -13.01 -1.15 -41.52
P PO4 K . 19.81 -1.64 13.12
O1 PO4 K . 20.48 -0.39 12.90
O2 PO4 K . 18.43 -1.27 13.64
O3 PO4 K . 19.52 -2.53 12.02
O4 PO4 K . 20.51 -2.36 14.20
C1 EDO L . 2.84 18.00 -18.72
O1 EDO L . 1.82 17.11 -18.24
C2 EDO L . 2.50 18.98 -19.86
O2 EDO L . 3.70 19.84 -20.09
N SFE M . -10.53 22.86 -9.98
O SFE M . -11.48 25.76 -10.16
OXT SFE M . -9.84 26.60 -11.29
CZ SFE M . -12.08 20.31 -14.04
CE2 SFE M . -13.13 20.87 -13.29
CE1 SFE M . -10.77 20.76 -13.86
CD2 SFE M . -12.92 21.86 -12.33
CD1 SFE M . -10.54 21.75 -12.91
CA SFE M . -10.45 24.41 -11.80
C SFE M . -10.61 25.67 -11.04
CG SFE M . -11.59 22.29 -12.14
CB SFE M . -11.33 23.34 -11.14
C1 GOL N . 7.89 24.07 20.33
O1 GOL N . 7.99 24.10 21.73
C2 GOL N . 9.12 23.33 19.77
O2 GOL N . 10.32 24.01 20.04
C3 GOL N . 8.92 22.98 18.25
O3 GOL N . 8.60 24.14 17.52
C1 GOL O . 23.34 -3.59 30.48
O1 GOL O . 23.72 -4.56 31.45
C2 GOL O . 21.84 -3.54 30.31
O2 GOL O . 21.35 -4.73 29.67
C3 GOL O . 21.56 -2.30 29.44
O3 GOL O . 22.36 -2.44 28.29
C1 EDO P . -6.99 -0.87 -4.40
O1 EDO P . -7.46 0.47 -4.41
C2 EDO P . -6.65 -1.19 -5.82
O2 EDO P . -5.32 -0.77 -6.06
C1 EDO Q . 5.71 -9.09 42.43
O1 EDO Q . 7.01 -8.79 42.97
C2 EDO Q . 5.47 -10.56 42.62
O2 EDO Q . 4.49 -10.81 41.61
C1 EDO R . -13.79 8.36 24.47
O1 EDO R . -14.49 8.72 23.26
C2 EDO R . -13.28 9.67 25.02
O2 EDO R . -13.32 10.54 23.88
#